data_6DIX
# 
_entry.id   6DIX 
# 
_audit_conform.dict_name       mmcif_pdbx.dic 
_audit_conform.dict_version    5.387 
_audit_conform.dict_location   http://mmcif.pdb.org/dictionaries/ascii/mmcif_pdbx.dic 
# 
loop_
_database_2.database_id 
_database_2.database_code 
_database_2.pdbx_database_accession 
_database_2.pdbx_DOI 
PDB   6DIX         pdb_00006dix 10.2210/pdb6dix/pdb 
WWPDB D_1000234726 ?            ?                   
# 
loop_
_pdbx_audit_revision_history.ordinal 
_pdbx_audit_revision_history.data_content_type 
_pdbx_audit_revision_history.major_revision 
_pdbx_audit_revision_history.minor_revision 
_pdbx_audit_revision_history.revision_date 
1 'Structure model' 1 0 2018-10-31 
2 'Structure model' 1 1 2018-11-07 
3 'Structure model' 1 2 2019-01-02 
4 'Structure model' 1 3 2019-12-18 
5 'Structure model' 1 4 2020-01-15 
6 'Structure model' 1 5 2024-03-13 
# 
_pdbx_audit_revision_details.ordinal             1 
_pdbx_audit_revision_details.revision_ordinal    1 
_pdbx_audit_revision_details.data_content_type   'Structure model' 
_pdbx_audit_revision_details.provider            repository 
_pdbx_audit_revision_details.type                'Initial release' 
_pdbx_audit_revision_details.description         ? 
_pdbx_audit_revision_details.details             ? 
# 
loop_
_pdbx_audit_revision_group.ordinal 
_pdbx_audit_revision_group.revision_ordinal 
_pdbx_audit_revision_group.data_content_type 
_pdbx_audit_revision_group.group 
1 2 'Structure model' 'Data collection'            
2 2 'Structure model' 'Database references'        
3 3 'Structure model' 'Data collection'            
4 3 'Structure model' 'Database references'        
5 4 'Structure model' 'Author supporting evidence' 
6 5 'Structure model' 'Data collection'            
7 6 'Structure model' 'Data collection'            
8 6 'Structure model' 'Database references'        
# 
loop_
_pdbx_audit_revision_category.ordinal 
_pdbx_audit_revision_category.revision_ordinal 
_pdbx_audit_revision_category.data_content_type 
_pdbx_audit_revision_category.category 
1 2 'Structure model' citation           
2 2 'Structure model' citation_author    
3 3 'Structure model' citation           
4 4 'Structure model' pdbx_audit_support 
5 5 'Structure model' reflns_shell       
6 6 'Structure model' chem_comp_atom     
7 6 'Structure model' chem_comp_bond     
8 6 'Structure model' database_2         
# 
loop_
_pdbx_audit_revision_item.ordinal 
_pdbx_audit_revision_item.revision_ordinal 
_pdbx_audit_revision_item.data_content_type 
_pdbx_audit_revision_item.item 
1  2 'Structure model' '_citation.journal_abbrev'                 
2  2 'Structure model' '_citation.pdbx_database_id_DOI'           
3  2 'Structure model' '_citation.pdbx_database_id_PubMed'        
4  2 'Structure model' '_citation.title'                          
5  3 'Structure model' '_citation.journal_volume'                 
6  3 'Structure model' '_citation.page_first'                     
7  3 'Structure model' '_citation.page_last'                      
8  3 'Structure model' '_citation.title'                          
9  4 'Structure model' '_pdbx_audit_support.funding_organization' 
10 5 'Structure model' '_reflns_shell.percent_possible_all'       
11 6 'Structure model' '_database_2.pdbx_DOI'                     
12 6 'Structure model' '_database_2.pdbx_database_accession'      
# 
_pdbx_database_status.status_code                     REL 
_pdbx_database_status.status_code_sf                  REL 
_pdbx_database_status.status_code_mr                  ? 
_pdbx_database_status.entry_id                        6DIX 
_pdbx_database_status.recvd_initial_deposition_date   2018-05-23 
_pdbx_database_status.SG_entry                        N 
_pdbx_database_status.deposit_site                    RCSB 
_pdbx_database_status.process_site                    RCSB 
_pdbx_database_status.status_code_cs                  ? 
_pdbx_database_status.methods_development_category    ? 
_pdbx_database_status.pdb_format_compatible           Y 
_pdbx_database_status.status_code_nmr_data            ? 
# 
loop_
_audit_author.name 
_audit_author.pdbx_ordinal 
_audit_author.identifier_ORCID 
'Brumshtein, B.'  1 ? 
'Esswein, S.R.'   2 ? 
'Sawaya, M.R.'    3 ? 
'Eisenberg, D.S.' 4 ? 
# 
_citation.abstract                  ? 
_citation.abstract_id_CAS           ? 
_citation.book_id_ISBN              ? 
_citation.book_publisher            ? 
_citation.book_publisher_city       ? 
_citation.book_title                ? 
_citation.coordinate_linkage        ? 
_citation.country                   US 
_citation.database_id_Medline       ? 
_citation.details                   ? 
_citation.id                        primary 
_citation.journal_abbrev            'J. Biol. Chem.' 
_citation.journal_id_ASTM           JBCHA3 
_citation.journal_id_CSD            0071 
_citation.journal_id_ISSN           1083-351X 
_citation.journal_full              ? 
_citation.journal_issue             ? 
_citation.journal_volume            293 
_citation.language                  ? 
_citation.page_first                19659 
_citation.page_last                 19671 
_citation.title                     
;Identification of two principal amyloid-driving segments in variable domains of Ig light chains in systemic light-chain amyloidosis.
;
_citation.year                      2018 
_citation.database_id_CSD           ? 
_citation.pdbx_database_id_DOI      10.1074/jbc.RA118.004142 
_citation.pdbx_database_id_PubMed   30355736 
_citation.unpublished_flag          ? 
# 
loop_
_citation_author.citation_id 
_citation_author.name 
_citation_author.ordinal 
_citation_author.identifier_ORCID 
primary 'Brumshtein, B.'  1 ?                   
primary 'Esswein, S.R.'   2 0000-0002-5142-0190 
primary 'Sawaya, M.R.'    3 ?                   
primary 'Rosenberg, G.'   4 ?                   
primary 'Ly, A.T.'        5 ?                   
primary 'Landau, M.'      6 ?                   
primary 'Eisenberg, D.S.' 7 0000-0003-2432-5419 
# 
loop_
_entity.id 
_entity.type 
_entity.src_method 
_entity.pdbx_description 
_entity.formula_weight 
_entity.pdbx_number_of_molecules 
_entity.pdbx_ec 
_entity.pdbx_mutation 
_entity.pdbx_fragment 
_entity.details 
1 polymer syn 'NFVFGT Immunoglobulin Light-Chain Variable Domain' 683.752 4  ? ? ? ? 
2 water   nat water                                               18.015  18 ? ? ? ? 
# 
_entity_poly.entity_id                      1 
_entity_poly.type                           'polypeptide(L)' 
_entity_poly.nstd_linkage                   no 
_entity_poly.nstd_monomer                   no 
_entity_poly.pdbx_seq_one_letter_code       NFVFGT 
_entity_poly.pdbx_seq_one_letter_code_can   NFVFGT 
_entity_poly.pdbx_strand_id                 A,B,C,D 
_entity_poly.pdbx_target_identifier         ? 
# 
_pdbx_entity_nonpoly.entity_id   2 
_pdbx_entity_nonpoly.name        water 
_pdbx_entity_nonpoly.comp_id     HOH 
# 
loop_
_entity_poly_seq.entity_id 
_entity_poly_seq.num 
_entity_poly_seq.mon_id 
_entity_poly_seq.hetero 
1 1 ASN n 
1 2 PHE n 
1 3 VAL n 
1 4 PHE n 
1 5 GLY n 
1 6 THR n 
# 
_pdbx_entity_src_syn.entity_id              1 
_pdbx_entity_src_syn.pdbx_src_id            1 
_pdbx_entity_src_syn.pdbx_alt_source_flag   sample 
_pdbx_entity_src_syn.pdbx_beg_seq_num       1 
_pdbx_entity_src_syn.pdbx_end_seq_num       6 
_pdbx_entity_src_syn.organism_scientific    'Homo sapiens' 
_pdbx_entity_src_syn.organism_common_name   ? 
_pdbx_entity_src_syn.ncbi_taxonomy_id       9606 
_pdbx_entity_src_syn.details                ? 
# 
loop_
_chem_comp.id 
_chem_comp.type 
_chem_comp.mon_nstd_flag 
_chem_comp.name 
_chem_comp.pdbx_synonyms 
_chem_comp.formula 
_chem_comp.formula_weight 
ASN 'L-peptide linking' y ASPARAGINE    ? 'C4 H8 N2 O3' 132.118 
GLY 'peptide linking'   y GLYCINE       ? 'C2 H5 N O2'  75.067  
HOH non-polymer         . WATER         ? 'H2 O'        18.015  
PHE 'L-peptide linking' y PHENYLALANINE ? 'C9 H11 N O2' 165.189 
THR 'L-peptide linking' y THREONINE     ? 'C4 H9 N O3'  119.119 
VAL 'L-peptide linking' y VALINE        ? 'C5 H11 N O2' 117.146 
# 
loop_
_pdbx_poly_seq_scheme.asym_id 
_pdbx_poly_seq_scheme.entity_id 
_pdbx_poly_seq_scheme.seq_id 
_pdbx_poly_seq_scheme.mon_id 
_pdbx_poly_seq_scheme.ndb_seq_num 
_pdbx_poly_seq_scheme.pdb_seq_num 
_pdbx_poly_seq_scheme.auth_seq_num 
_pdbx_poly_seq_scheme.pdb_mon_id 
_pdbx_poly_seq_scheme.auth_mon_id 
_pdbx_poly_seq_scheme.pdb_strand_id 
_pdbx_poly_seq_scheme.pdb_ins_code 
_pdbx_poly_seq_scheme.hetero 
A 1 1 ASN 1 98  98  ASN ASN A . n 
A 1 2 PHE 2 99  99  PHE PHE A . n 
A 1 3 VAL 3 100 100 VAL VAL A . n 
A 1 4 PHE 4 101 101 PHE PHE A . n 
A 1 5 GLY 5 102 102 GLY GLY A . n 
A 1 6 THR 6 103 103 THR THR A . n 
B 1 1 ASN 1 98  98  ASN ASN B . n 
B 1 2 PHE 2 99  99  PHE PHE B . n 
B 1 3 VAL 3 100 100 VAL VAL B . n 
B 1 4 PHE 4 101 101 PHE PHE B . n 
B 1 5 GLY 5 102 102 GLY GLY B . n 
B 1 6 THR 6 103 103 THR THR B . n 
C 1 1 ASN 1 98  98  ASN ASN C . n 
C 1 2 PHE 2 99  99  PHE PHE C . n 
C 1 3 VAL 3 100 100 VAL VAL C . n 
C 1 4 PHE 4 101 101 PHE PHE C . n 
C 1 5 GLY 5 102 102 GLY GLY C . n 
C 1 6 THR 6 103 103 THR THR C . n 
D 1 1 ASN 1 98  98  ASN ASN D . n 
D 1 2 PHE 2 99  99  PHE PHE D . n 
D 1 3 VAL 3 100 100 VAL VAL D . n 
D 1 4 PHE 4 101 101 PHE PHE D . n 
D 1 5 GLY 5 102 102 GLY GLY D . n 
D 1 6 THR 6 103 103 THR THR D . n 
# 
loop_
_pdbx_nonpoly_scheme.asym_id 
_pdbx_nonpoly_scheme.entity_id 
_pdbx_nonpoly_scheme.mon_id 
_pdbx_nonpoly_scheme.ndb_seq_num 
_pdbx_nonpoly_scheme.pdb_seq_num 
_pdbx_nonpoly_scheme.auth_seq_num 
_pdbx_nonpoly_scheme.pdb_mon_id 
_pdbx_nonpoly_scheme.auth_mon_id 
_pdbx_nonpoly_scheme.pdb_strand_id 
_pdbx_nonpoly_scheme.pdb_ins_code 
E 2 HOH 1 201 4  HOH HOH A . 
E 2 HOH 2 202 2  HOH HOH A . 
E 2 HOH 3 203 18 HOH HOH A . 
E 2 HOH 4 204 12 HOH HOH A . 
E 2 HOH 5 205 13 HOH HOH A . 
F 2 HOH 1 201 6  HOH HOH B . 
F 2 HOH 2 202 7  HOH HOH B . 
F 2 HOH 3 203 3  HOH HOH B . 
F 2 HOH 4 204 8  HOH HOH B . 
F 2 HOH 5 205 17 HOH HOH B . 
F 2 HOH 6 206 14 HOH HOH B . 
G 2 HOH 1 201 9  HOH HOH C . 
G 2 HOH 2 202 5  HOH HOH C . 
H 2 HOH 1 201 10 HOH HOH D . 
H 2 HOH 2 202 11 HOH HOH D . 
H 2 HOH 3 203 1  HOH HOH D . 
H 2 HOH 4 204 15 HOH HOH D . 
H 2 HOH 5 205 16 HOH HOH D . 
# 
loop_
_software.citation_id 
_software.classification 
_software.compiler_name 
_software.compiler_version 
_software.contact_author 
_software.contact_author_email 
_software.date 
_software.description 
_software.dependencies 
_software.hardware 
_software.language 
_software.location 
_software.mods 
_software.name 
_software.os 
_software.os_version 
_software.type 
_software.version 
_software.pdbx_ordinal 
? refinement        ? ? ? ? ? ? ? ? ? ? ? REFMAC      ? ? ? .    1 
? 'data reduction'  ? ? ? ? ? ? ? ? ? ? ? XDS         ? ? ? .    2 
? 'data scaling'    ? ? ? ? ? ? ? ? ? ? ? XSCALE      ? ? ? .    3 
? 'data extraction' ? ? ? ? ? ? ? ? ? ? ? PDB_EXTRACT ? ? ? 3.24 4 
? phasing           ? ? ? ? ? ? ? ? ? ? ? SHELXD      ? ? ? .    5 
# 
_cell.angle_alpha                  90.890 
_cell.angle_alpha_esd              ? 
_cell.angle_beta                   103.230 
_cell.angle_beta_esd               ? 
_cell.angle_gamma                  90.260 
_cell.angle_gamma_esd              ? 
_cell.entry_id                     6DIX 
_cell.details                      ? 
_cell.formula_units_Z              ? 
_cell.length_a                     16.030 
_cell.length_a_esd                 ? 
_cell.length_b                     11.660 
_cell.length_b_esd                 ? 
_cell.length_c                     21.940 
_cell.length_c_esd                 ? 
_cell.volume                       ? 
_cell.volume_esd                   ? 
_cell.Z_PDB                        4 
_cell.reciprocal_angle_alpha       ? 
_cell.reciprocal_angle_beta        ? 
_cell.reciprocal_angle_gamma       ? 
_cell.reciprocal_angle_alpha_esd   ? 
_cell.reciprocal_angle_beta_esd    ? 
_cell.reciprocal_angle_gamma_esd   ? 
_cell.reciprocal_length_a          ? 
_cell.reciprocal_length_b          ? 
_cell.reciprocal_length_c          ? 
_cell.reciprocal_length_a_esd      ? 
_cell.reciprocal_length_b_esd      ? 
_cell.reciprocal_length_c_esd      ? 
_cell.pdbx_unique_axis             ? 
# 
_symmetry.entry_id                         6DIX 
_symmetry.cell_setting                     ? 
_symmetry.Int_Tables_number                1 
_symmetry.space_group_name_Hall            ? 
_symmetry.space_group_name_H-M             'P 1' 
_symmetry.pdbx_full_space_group_name_H-M   ? 
# 
_exptl.absorpt_coefficient_mu     ? 
_exptl.absorpt_correction_T_max   ? 
_exptl.absorpt_correction_T_min   ? 
_exptl.absorpt_correction_type    ? 
_exptl.absorpt_process_details    ? 
_exptl.entry_id                   6DIX 
_exptl.crystals_number            1 
_exptl.details                    ? 
_exptl.method                     'X-RAY DIFFRACTION' 
_exptl.method_details             ? 
# 
_exptl_crystal.colour                      ? 
_exptl_crystal.density_diffrn              ? 
_exptl_crystal.density_Matthews            1.46 
_exptl_crystal.density_method              ? 
_exptl_crystal.density_percent_sol         15.72 
_exptl_crystal.description                 rod 
_exptl_crystal.F_000                       ? 
_exptl_crystal.id                          1 
_exptl_crystal.preparation                 ? 
_exptl_crystal.size_max                    ? 
_exptl_crystal.size_mid                    ? 
_exptl_crystal.size_min                    ? 
_exptl_crystal.size_rad                    ? 
_exptl_crystal.colour_lustre               ? 
_exptl_crystal.colour_modifier             ? 
_exptl_crystal.colour_primary              ? 
_exptl_crystal.density_meas                ? 
_exptl_crystal.density_meas_esd            ? 
_exptl_crystal.density_meas_gt             ? 
_exptl_crystal.density_meas_lt             ? 
_exptl_crystal.density_meas_temp           ? 
_exptl_crystal.density_meas_temp_esd       ? 
_exptl_crystal.density_meas_temp_gt        ? 
_exptl_crystal.density_meas_temp_lt        ? 
_exptl_crystal.pdbx_crystal_image_url      ? 
_exptl_crystal.pdbx_crystal_image_format   ? 
_exptl_crystal.pdbx_mosaicity              ? 
_exptl_crystal.pdbx_mosaicity_esd          ? 
# 
_exptl_crystal_grow.apparatus       ? 
_exptl_crystal_grow.atmosphere      ? 
_exptl_crystal_grow.crystal_id      1 
_exptl_crystal_grow.details         ? 
_exptl_crystal_grow.method          'VAPOR DIFFUSION, HANGING DROP' 
_exptl_crystal_grow.method_ref      ? 
_exptl_crystal_grow.pH              8.0 
_exptl_crystal_grow.pressure        ? 
_exptl_crystal_grow.pressure_esd    ? 
_exptl_crystal_grow.seeding         ? 
_exptl_crystal_grow.seeding_ref     ? 
_exptl_crystal_grow.temp            293 
_exptl_crystal_grow.temp_details    ? 
_exptl_crystal_grow.temp_esd        ? 
_exptl_crystal_grow.time            ? 
_exptl_crystal_grow.pdbx_details    '0.1 M Imidazole, 20% PEG 3000, 0.2 M Zinc Acetate' 
_exptl_crystal_grow.pdbx_pH_range   ? 
# 
_diffrn.ambient_environment    ? 
_diffrn.ambient_temp           100 
_diffrn.ambient_temp_details   ? 
_diffrn.ambient_temp_esd       ? 
_diffrn.crystal_id             1 
_diffrn.crystal_support        ? 
_diffrn.crystal_treatment      ? 
_diffrn.details                ? 
_diffrn.id                     1 
_diffrn.ambient_pressure       ? 
_diffrn.ambient_pressure_esd   ? 
_diffrn.ambient_pressure_gt    ? 
_diffrn.ambient_pressure_lt    ? 
_diffrn.ambient_temp_gt        ? 
_diffrn.ambient_temp_lt        ? 
# 
_diffrn_detector.details                      ? 
_diffrn_detector.detector                     PIXEL 
_diffrn_detector.diffrn_id                    1 
_diffrn_detector.type                         'DECTRIS PILATUS 6M-F' 
_diffrn_detector.area_resol_mean              ? 
_diffrn_detector.dtime                        ? 
_diffrn_detector.pdbx_frames_total            ? 
_diffrn_detector.pdbx_collection_time_total   ? 
_diffrn_detector.pdbx_collection_date         2015-03-06 
# 
_diffrn_radiation.collimation                      ? 
_diffrn_radiation.diffrn_id                        1 
_diffrn_radiation.filter_edge                      ? 
_diffrn_radiation.inhomogeneity                    ? 
_diffrn_radiation.monochromator                    'Cryo-cooled-double crystal' 
_diffrn_radiation.polarisn_norm                    ? 
_diffrn_radiation.polarisn_ratio                   ? 
_diffrn_radiation.probe                            ? 
_diffrn_radiation.type                             ? 
_diffrn_radiation.xray_symbol                      ? 
_diffrn_radiation.wavelength_id                    1 
_diffrn_radiation.pdbx_monochromatic_or_laue_m_l   M 
_diffrn_radiation.pdbx_wavelength_list             ? 
_diffrn_radiation.pdbx_wavelength                  ? 
_diffrn_radiation.pdbx_diffrn_protocol             'SINGLE WAVELENGTH' 
_diffrn_radiation.pdbx_analyzer                    ? 
_diffrn_radiation.pdbx_scattering_type             x-ray 
# 
_diffrn_radiation_wavelength.id           1 
_diffrn_radiation_wavelength.wavelength   0.9717 
_diffrn_radiation_wavelength.wt           1.0 
# 
_diffrn_source.current                     ? 
_diffrn_source.details                     ? 
_diffrn_source.diffrn_id                   1 
_diffrn_source.power                       ? 
_diffrn_source.size                        ? 
_diffrn_source.source                      SYNCHROTRON 
_diffrn_source.target                      ? 
_diffrn_source.type                        'APS BEAMLINE 24-ID-C' 
_diffrn_source.voltage                     ? 
_diffrn_source.take-off_angle              ? 
_diffrn_source.pdbx_wavelength_list        0.9717 
_diffrn_source.pdbx_wavelength             ? 
_diffrn_source.pdbx_synchrotron_beamline   24-ID-C 
_diffrn_source.pdbx_synchrotron_site       APS 
# 
_reflns.B_iso_Wilson_estimate            8.571 
_reflns.entry_id                         6DIX 
_reflns.data_reduction_details           ? 
_reflns.data_reduction_method            ? 
_reflns.d_resolution_high                1.000 
_reflns.d_resolution_low                 21.350 
_reflns.details                          ? 
_reflns.limit_h_max                      ? 
_reflns.limit_h_min                      ? 
_reflns.limit_k_max                      ? 
_reflns.limit_k_min                      ? 
_reflns.limit_l_max                      ? 
_reflns.limit_l_min                      ? 
_reflns.number_all                       ? 
_reflns.number_obs                       6835 
_reflns.observed_criterion               ? 
_reflns.observed_criterion_F_max         ? 
_reflns.observed_criterion_F_min         ? 
_reflns.observed_criterion_I_max         ? 
_reflns.observed_criterion_I_min         ? 
_reflns.observed_criterion_sigma_F       ? 
_reflns.observed_criterion_sigma_I       ? 
_reflns.percent_possible_obs             81.800 
_reflns.R_free_details                   ? 
_reflns.Rmerge_F_all                     ? 
_reflns.Rmerge_F_obs                     ? 
_reflns.Friedel_coverage                 ? 
_reflns.number_gt                        ? 
_reflns.threshold_expression             ? 
_reflns.pdbx_redundancy                  3.424 
_reflns.pdbx_Rmerge_I_obs                0.066 
_reflns.pdbx_Rmerge_I_all                ? 
_reflns.pdbx_Rsym_value                  ? 
_reflns.pdbx_netI_over_av_sigmaI         ? 
_reflns.pdbx_netI_over_sigmaI            12.830 
_reflns.pdbx_res_netI_over_av_sigmaI_2   ? 
_reflns.pdbx_res_netI_over_sigmaI_2      ? 
_reflns.pdbx_chi_squared                 1.025 
_reflns.pdbx_scaling_rejects             ? 
_reflns.pdbx_d_res_high_opt              ? 
_reflns.pdbx_d_res_low_opt               ? 
_reflns.pdbx_d_res_opt_method            ? 
_reflns.phase_calculation_details        ? 
_reflns.pdbx_Rrim_I_all                  0.077 
_reflns.pdbx_Rpim_I_all                  ? 
_reflns.pdbx_d_opt                       ? 
_reflns.pdbx_number_measured_all         ? 
_reflns.pdbx_diffrn_id                   1 
_reflns.pdbx_ordinal                     1 
_reflns.pdbx_CC_half                     0.997 
_reflns.pdbx_R_split                     ? 
# 
loop_
_reflns_shell.d_res_high 
_reflns_shell.d_res_low 
_reflns_shell.meanI_over_sigI_all 
_reflns_shell.meanI_over_sigI_obs 
_reflns_shell.number_measured_all 
_reflns_shell.number_measured_obs 
_reflns_shell.number_possible 
_reflns_shell.number_unique_all 
_reflns_shell.number_unique_obs 
_reflns_shell.percent_possible_all 
_reflns_shell.percent_possible_obs 
_reflns_shell.Rmerge_F_all 
_reflns_shell.Rmerge_F_obs 
_reflns_shell.Rmerge_I_all 
_reflns_shell.Rmerge_I_obs 
_reflns_shell.meanI_over_sigI_gt 
_reflns_shell.meanI_over_uI_all 
_reflns_shell.meanI_over_uI_gt 
_reflns_shell.number_measured_gt 
_reflns_shell.number_unique_gt 
_reflns_shell.percent_possible_gt 
_reflns_shell.Rmerge_F_gt 
_reflns_shell.Rmerge_I_gt 
_reflns_shell.pdbx_redundancy 
_reflns_shell.pdbx_Rsym_value 
_reflns_shell.pdbx_chi_squared 
_reflns_shell.pdbx_netI_over_sigmaI_all 
_reflns_shell.pdbx_netI_over_sigmaI_obs 
_reflns_shell.pdbx_Rrim_I_all 
_reflns_shell.pdbx_Rpim_I_all 
_reflns_shell.pdbx_rejects 
_reflns_shell.pdbx_ordinal 
_reflns_shell.pdbx_diffrn_id 
_reflns_shell.pdbx_CC_half 
_reflns_shell.pdbx_R_split 
1.000  1.070  ? 6.730  ? ? ? ? 926  60.400  ? ? ? ? 0.124 ? ? ? ? ? ? ? ? 3.177 ? ? ? ? 0.148 ? ? 1 1 0.982 ? 
1.070  2.300  ? 13.090 ? ? ? ? 5295 86.200  ? ? ? ? 0.068 ? ? ? ? ? ? ? ? 3.446 ? ? ? ? 0.080 ? ? 2 1 0.996 ? 
2.300  3.000  ? 19.810 ? ? ? ? 337  91.300  ? ? ? ? 0.059 ? ? ? ? ? ? ? ? 3.611 ? ? ? ? 0.069 ? ? 3 1 0.997 ? 
3.000  5.000  ? 19.800 ? ? ? ? 211  86.100  ? ? ? ? 0.065 ? ? ? ? ? ? ? ? 3.588 ? ? ? ? 0.076 ? ? 4 1 0.996 ? 
5.000  8.000  ? 20.220 ? ? ? ? 52   100.000 ? ? ? ? 0.048 ? ? ? ? ? ? ? ? 3.673 ? ? ? ? 0.057 ? ? 5 1 0.999 ? 
8.000  10.000 ? 19.200 ? ? ? ? 6    75.000  ? ? ? ? 0.111 ? ? ? ? ? ? ? ? 3.333 ? ? ? ? 0.129 ? ? 6 1 0.964 ? 
10.000 21.350 ? 20.230 ? ? ? ? 8    100.000 ? ? ? ? 0.043 ? ? ? ? ? ? ? ? 3.500 ? ? ? ? 0.050 ? ? 7 1 0.998 ? 
# 
_refine.aniso_B[1][1]                            -0.3800 
_refine.aniso_B[1][2]                            -0.2400 
_refine.aniso_B[1][3]                            -0.1800 
_refine.aniso_B[2][2]                            -0.0300 
_refine.aniso_B[2][3]                            -0.0200 
_refine.aniso_B[3][3]                            0.4500 
_refine.B_iso_max                                35.600 
_refine.B_iso_mean                               7.4880 
_refine.B_iso_min                                2.830 
_refine.correlation_coeff_Fo_to_Fc               0.9820 
_refine.correlation_coeff_Fo_to_Fc_free          0.9710 
_refine.details                                  
'HYDROGENS HAVE BEEN ADDED IN THE RIDING POSITIONS U VALUES      : REFINED INDIVIDUALLY' 
_refine.diff_density_max                         ? 
_refine.diff_density_max_esd                     ? 
_refine.diff_density_min                         ? 
_refine.diff_density_min_esd                     ? 
_refine.diff_density_rms                         ? 
_refine.diff_density_rms_esd                     ? 
_refine.entry_id                                 6DIX 
_refine.pdbx_refine_id                           'X-RAY DIFFRACTION' 
_refine.ls_abs_structure_details                 ? 
_refine.ls_abs_structure_Flack                   ? 
_refine.ls_abs_structure_Flack_esd               ? 
_refine.ls_abs_structure_Rogers                  ? 
_refine.ls_abs_structure_Rogers_esd              ? 
_refine.ls_d_res_high                            1.0000 
_refine.ls_d_res_low                             21.3500 
_refine.ls_extinction_coef                       ? 
_refine.ls_extinction_coef_esd                   ? 
_refine.ls_extinction_expression                 ? 
_refine.ls_extinction_method                     ? 
_refine.ls_goodness_of_fit_all                   ? 
_refine.ls_goodness_of_fit_all_esd               ? 
_refine.ls_goodness_of_fit_obs                   ? 
_refine.ls_goodness_of_fit_obs_esd               ? 
_refine.ls_hydrogen_treatment                    ? 
_refine.ls_matrix_type                           ? 
_refine.ls_number_constraints                    ? 
_refine.ls_number_parameters                     ? 
_refine.ls_number_reflns_all                     ? 
_refine.ls_number_reflns_obs                     6154 
_refine.ls_number_reflns_R_free                  684 
_refine.ls_number_reflns_R_work                  ? 
_refine.ls_number_restraints                     ? 
_refine.ls_percent_reflns_obs                    81.8300 
_refine.ls_percent_reflns_R_free                 10.0000 
_refine.ls_R_factor_all                          ? 
_refine.ls_R_factor_obs                          0.1048 
_refine.ls_R_factor_R_free                       0.1247 
_refine.ls_R_factor_R_free_error                 ? 
_refine.ls_R_factor_R_free_error_details         ? 
_refine.ls_R_factor_R_work                       0.1025 
_refine.ls_R_Fsqd_factor_obs                     ? 
_refine.ls_R_I_factor_obs                        ? 
_refine.ls_redundancy_reflns_all                 ? 
_refine.ls_redundancy_reflns_obs                 ? 
_refine.ls_restrained_S_all                      ? 
_refine.ls_restrained_S_obs                      ? 
_refine.ls_shift_over_esd_max                    ? 
_refine.ls_shift_over_esd_mean                   ? 
_refine.ls_structure_factor_coef                 ? 
_refine.ls_weighting_details                     ? 
_refine.ls_weighting_scheme                      ? 
_refine.ls_wR_factor_all                         ? 
_refine.ls_wR_factor_obs                         ? 
_refine.ls_wR_factor_R_free                      ? 
_refine.ls_wR_factor_R_work                      ? 
_refine.occupancy_max                            ? 
_refine.occupancy_min                            ? 
_refine.solvent_model_details                    ? 
_refine.solvent_model_param_bsol                 ? 
_refine.solvent_model_param_ksol                 ? 
_refine.ls_R_factor_gt                           ? 
_refine.ls_goodness_of_fit_gt                    ? 
_refine.ls_goodness_of_fit_ref                   ? 
_refine.ls_shift_over_su_max                     ? 
_refine.ls_shift_over_su_max_lt                  ? 
_refine.ls_shift_over_su_mean                    ? 
_refine.ls_shift_over_su_mean_lt                 ? 
_refine.pdbx_ls_sigma_I                          ? 
_refine.pdbx_ls_sigma_F                          0.000 
_refine.pdbx_ls_sigma_Fsqd                       ? 
_refine.pdbx_data_cutoff_high_absF               ? 
_refine.pdbx_data_cutoff_high_rms_absF           ? 
_refine.pdbx_data_cutoff_low_absF                ? 
_refine.pdbx_isotropic_thermal_model             ? 
_refine.pdbx_ls_cross_valid_method               THROUGHOUT 
_refine.pdbx_method_to_determine_struct          'AB INITIO PHASING' 
_refine.pdbx_starting_model                      'NO Starting model, We used DIRECT METHODS' 
_refine.pdbx_stereochemistry_target_values       ? 
_refine.pdbx_R_Free_selection_details            RANDOM 
_refine.pdbx_stereochem_target_val_spec_case     ? 
_refine.pdbx_overall_ESU_R                       0.0260 
_refine.pdbx_overall_ESU_R_Free                  0.0260 
_refine.pdbx_solvent_vdw_probe_radii             1.2000 
_refine.pdbx_solvent_ion_probe_radii             0.8000 
_refine.pdbx_solvent_shrinkage_radii             0.8000 
_refine.pdbx_real_space_R                        ? 
_refine.pdbx_density_correlation                 ? 
_refine.pdbx_pd_number_of_powder_patterns        ? 
_refine.pdbx_pd_number_of_points                 ? 
_refine.pdbx_pd_meas_number_of_points            ? 
_refine.pdbx_pd_proc_ls_prof_R_factor            ? 
_refine.pdbx_pd_proc_ls_prof_wR_factor           ? 
_refine.pdbx_pd_Marquardt_correlation_coeff      ? 
_refine.pdbx_pd_Fsqrd_R_factor                   ? 
_refine.pdbx_pd_ls_matrix_band_width             ? 
_refine.pdbx_overall_phase_error                 ? 
_refine.pdbx_overall_SU_R_free_Cruickshank_DPI   ? 
_refine.pdbx_overall_SU_R_free_Blow_DPI          ? 
_refine.pdbx_overall_SU_R_Blow_DPI               ? 
_refine.pdbx_TLS_residual_ADP_flag               ? 
_refine.pdbx_diffrn_id                           1 
_refine.overall_SU_B                             ? 
_refine.overall_SU_ML                            ? 
_refine.overall_SU_R_Cruickshank_DPI             0.0262 
_refine.overall_SU_R_free                        ? 
_refine.overall_FOM_free_R_set                   ? 
_refine.overall_FOM_work_R_set                   ? 
_refine.pdbx_average_fsc_overall                 ? 
_refine.pdbx_average_fsc_work                    ? 
_refine.pdbx_average_fsc_free                    ? 
# 
_refine_hist.cycle_id                         final 
_refine_hist.pdbx_refine_id                   'X-RAY DIFFRACTION' 
_refine_hist.d_res_high                       1.0000 
_refine_hist.d_res_low                        21.3500 
_refine_hist.pdbx_number_atoms_ligand         0 
_refine_hist.number_atoms_solvent             18 
_refine_hist.number_atoms_total               214 
_refine_hist.pdbx_number_residues_total       24 
_refine_hist.pdbx_B_iso_mean_solvent          21.32 
_refine_hist.pdbx_number_atoms_protein        196 
_refine_hist.pdbx_number_atoms_nucleic_acid   0 
# 
loop_
_refine_ls_restr.pdbx_refine_id 
_refine_ls_restr.criterion 
_refine_ls_restr.dev_ideal 
_refine_ls_restr.dev_ideal_target 
_refine_ls_restr.number 
_refine_ls_restr.rejects 
_refine_ls_restr.type 
_refine_ls_restr.weight 
_refine_ls_restr.pdbx_restraint_function 
'X-RAY DIFFRACTION' ? 0.009  0.013  210 ? r_bond_refined_d       ? ? 
'X-RAY DIFFRACTION' ? 0.000  0.018  184 ? r_bond_other_d         ? ? 
'X-RAY DIFFRACTION' ? 1.589  1.688  286 ? r_angle_refined_deg    ? ? 
'X-RAY DIFFRACTION' ? 1.477  1.685  418 ? r_angle_other_deg      ? ? 
'X-RAY DIFFRACTION' ? 8.046  5.000  24  ? r_dihedral_angle_1_deg ? ? 
'X-RAY DIFFRACTION' ? 39.969 23.333 12  ? r_dihedral_angle_2_deg ? ? 
'X-RAY DIFFRACTION' ? 12.470 15.000 22  ? r_dihedral_angle_3_deg ? ? 
'X-RAY DIFFRACTION' ? 0.086  0.200  26  ? r_chiral_restr         ? ? 
'X-RAY DIFFRACTION' ? 0.009  0.020  242 ? r_gen_planes_refined   ? ? 
'X-RAY DIFFRACTION' ? 0.010  0.020  62  ? r_gen_planes_other     ? ? 
'X-RAY DIFFRACTION' ? 20.279 3.000  394 ? r_rigid_bond_restr     ? ? 
'X-RAY DIFFRACTION' ? 17.741 5.000  9   ? r_sphericity_free      ? ? 
'X-RAY DIFFRACTION' ? 6.447  5.000  397 ? r_sphericity_bonded    ? ? 
# 
_refine_ls_shell.pdbx_refine_id                   'X-RAY DIFFRACTION' 
_refine_ls_shell.d_res_high                       1.0000 
_refine_ls_shell.d_res_low                        1.0260 
_refine_ls_shell.number_reflns_all                277 
_refine_ls_shell.number_reflns_obs                ? 
_refine_ls_shell.number_reflns_R_free             28 
_refine_ls_shell.number_reflns_R_work             249 
_refine_ls_shell.percent_reflns_obs               46.7100 
_refine_ls_shell.percent_reflns_R_free            ? 
_refine_ls_shell.R_factor_all                     ? 
_refine_ls_shell.R_factor_obs                     ? 
_refine_ls_shell.R_factor_R_free                  0.1230 
_refine_ls_shell.R_factor_R_free_error            0.0000 
_refine_ls_shell.R_factor_R_work                  0.1450 
_refine_ls_shell.redundancy_reflns_all            ? 
_refine_ls_shell.redundancy_reflns_obs            ? 
_refine_ls_shell.wR_factor_all                    ? 
_refine_ls_shell.wR_factor_obs                    ? 
_refine_ls_shell.wR_factor_R_free                 ? 
_refine_ls_shell.wR_factor_R_work                 ? 
_refine_ls_shell.pdbx_total_number_of_bins_used   20 
_refine_ls_shell.pdbx_phase_error                 ? 
_refine_ls_shell.pdbx_fsc_work                    ? 
_refine_ls_shell.pdbx_fsc_free                    ? 
# 
_struct.entry_id                     6DIX 
_struct.title                        
'NFVFGT segment from Human Immunoglobulin Light-Chain Variable Domain, Residues 98-103, assembled as an amyloid fibril' 
_struct.pdbx_model_details           
'NFVFGT segment from Human Immunoglobulin Light-Chain Variable Domain, Residues 98-103, assembled as an amyloid fibril' 
_struct.pdbx_formula_weight          ? 
_struct.pdbx_formula_weight_method   ? 
_struct.pdbx_model_type_details      ? 
_struct.pdbx_CASP_flag               N 
# 
_struct_keywords.entry_id        6DIX 
_struct_keywords.text            'amyloid fibril, PROTEIN FIBRIL' 
_struct_keywords.pdbx_keywords   'PROTEIN FIBRIL' 
# 
loop_
_struct_asym.id 
_struct_asym.pdbx_blank_PDB_chainid_flag 
_struct_asym.pdbx_modified 
_struct_asym.entity_id 
_struct_asym.details 
A N N 1 ? 
B N N 1 ? 
C N N 1 ? 
D N N 1 ? 
E N N 2 ? 
F N N 2 ? 
G N N 2 ? 
H N N 2 ? 
# 
_struct_ref.id                         1 
_struct_ref.db_name                    PDB 
_struct_ref.db_code                    6DIX 
_struct_ref.pdbx_db_accession          6DIX 
_struct_ref.pdbx_db_isoform            ? 
_struct_ref.entity_id                  1 
_struct_ref.pdbx_seq_one_letter_code   ? 
_struct_ref.pdbx_align_begin           1 
# 
loop_
_struct_ref_seq.align_id 
_struct_ref_seq.ref_id 
_struct_ref_seq.pdbx_PDB_id_code 
_struct_ref_seq.pdbx_strand_id 
_struct_ref_seq.seq_align_beg 
_struct_ref_seq.pdbx_seq_align_beg_ins_code 
_struct_ref_seq.seq_align_end 
_struct_ref_seq.pdbx_seq_align_end_ins_code 
_struct_ref_seq.pdbx_db_accession 
_struct_ref_seq.db_align_beg 
_struct_ref_seq.pdbx_db_align_beg_ins_code 
_struct_ref_seq.db_align_end 
_struct_ref_seq.pdbx_db_align_end_ins_code 
_struct_ref_seq.pdbx_auth_seq_align_beg 
_struct_ref_seq.pdbx_auth_seq_align_end 
1 1 6DIX A 1 ? 6 ? 6DIX 98 ? 103 ? 98 103 
2 1 6DIX B 1 ? 6 ? 6DIX 98 ? 103 ? 98 103 
3 1 6DIX C 1 ? 6 ? 6DIX 98 ? 103 ? 98 103 
4 1 6DIX D 1 ? 6 ? 6DIX 98 ? 103 ? 98 103 
# 
_pdbx_struct_assembly.id                   1 
_pdbx_struct_assembly.details              author_defined_assembly 
_pdbx_struct_assembly.method_details       ? 
_pdbx_struct_assembly.oligomeric_details   hexadecameric 
_pdbx_struct_assembly.oligomeric_count     16 
# 
_pdbx_struct_assembly_gen.assembly_id       1 
_pdbx_struct_assembly_gen.oper_expression   1,2,3,4 
_pdbx_struct_assembly_gen.asym_id_list      A,B,C,D,E,F,G,H 
# 
_pdbx_struct_assembly_auth_evidence.id                     1 
_pdbx_struct_assembly_auth_evidence.assembly_id            1 
_pdbx_struct_assembly_auth_evidence.experimental_support   none 
_pdbx_struct_assembly_auth_evidence.details                ? 
# 
loop_
_pdbx_struct_oper_list.id 
_pdbx_struct_oper_list.type 
_pdbx_struct_oper_list.name 
_pdbx_struct_oper_list.symmetry_operation 
_pdbx_struct_oper_list.matrix[1][1] 
_pdbx_struct_oper_list.matrix[1][2] 
_pdbx_struct_oper_list.matrix[1][3] 
_pdbx_struct_oper_list.vector[1] 
_pdbx_struct_oper_list.matrix[2][1] 
_pdbx_struct_oper_list.matrix[2][2] 
_pdbx_struct_oper_list.matrix[2][3] 
_pdbx_struct_oper_list.vector[2] 
_pdbx_struct_oper_list.matrix[3][1] 
_pdbx_struct_oper_list.matrix[3][2] 
_pdbx_struct_oper_list.matrix[3][3] 
_pdbx_struct_oper_list.vector[3] 
1 'identity operation'         1_555 x,y,z     1.0000000000 0.0000000000 0.0000000000 0.0000000000  0.0000000000 1.0000000000 0.0000000000 0.0000000000   0.0000000000 0.0000000000 1.0000000000 0.0000000000  
2 'crystal symmetry operation' 1_445 x-1,y-1,z 1.0000000000 0.0000000000 0.0000000000 -3.4032264471 0.0000000000 1.0000000000 0.0000000000 -17.6441355942 0.0000000000 0.0000000000 1.0000000000 8.2657543618  
3 'crystal symmetry operation' 1_565 x,y+1,z   1.0000000000 0.0000000000 0.0000000000 -5.9484718142 0.0000000000 1.0000000000 0.0000000000 4.6396721301   0.0000000000 0.0000000000 1.0000000000 -8.8907100729 
4 'crystal symmetry operation' 1_455 x-1,y,z   1.0000000000 0.0000000000 0.0000000000 -9.3516982613 0.0000000000 1.0000000000 0.0000000000 -13.0044634641 0.0000000000 0.0000000000 1.0000000000 -0.6249557111 
# 
_struct_sheet.id               AA1 
_struct_sheet.type             ? 
_struct_sheet.number_strands   4 
_struct_sheet.details          ? 
# 
loop_
_struct_sheet_order.sheet_id 
_struct_sheet_order.range_id_1 
_struct_sheet_order.range_id_2 
_struct_sheet_order.offset 
_struct_sheet_order.sense 
AA1 1 2 ? anti-parallel 
AA1 2 3 ? anti-parallel 
AA1 3 4 ? anti-parallel 
# 
loop_
_struct_sheet_range.sheet_id 
_struct_sheet_range.id 
_struct_sheet_range.beg_label_comp_id 
_struct_sheet_range.beg_label_asym_id 
_struct_sheet_range.beg_label_seq_id 
_struct_sheet_range.pdbx_beg_PDB_ins_code 
_struct_sheet_range.end_label_comp_id 
_struct_sheet_range.end_label_asym_id 
_struct_sheet_range.end_label_seq_id 
_struct_sheet_range.pdbx_end_PDB_ins_code 
_struct_sheet_range.beg_auth_comp_id 
_struct_sheet_range.beg_auth_asym_id 
_struct_sheet_range.beg_auth_seq_id 
_struct_sheet_range.end_auth_comp_id 
_struct_sheet_range.end_auth_asym_id 
_struct_sheet_range.end_auth_seq_id 
AA1 1 VAL B 3 ? GLY B 5 ? VAL B 100 GLY B 102 
AA1 2 PHE A 2 ? GLY A 5 ? PHE A 99  GLY A 102 
AA1 3 PHE D 2 ? GLY D 5 ? PHE D 99  GLY D 102 
AA1 4 VAL C 3 ? GLY C 5 ? VAL C 100 GLY C 102 
# 
loop_
_pdbx_struct_sheet_hbond.sheet_id 
_pdbx_struct_sheet_hbond.range_id_1 
_pdbx_struct_sheet_hbond.range_id_2 
_pdbx_struct_sheet_hbond.range_1_label_atom_id 
_pdbx_struct_sheet_hbond.range_1_label_comp_id 
_pdbx_struct_sheet_hbond.range_1_label_asym_id 
_pdbx_struct_sheet_hbond.range_1_label_seq_id 
_pdbx_struct_sheet_hbond.range_1_PDB_ins_code 
_pdbx_struct_sheet_hbond.range_1_auth_atom_id 
_pdbx_struct_sheet_hbond.range_1_auth_comp_id 
_pdbx_struct_sheet_hbond.range_1_auth_asym_id 
_pdbx_struct_sheet_hbond.range_1_auth_seq_id 
_pdbx_struct_sheet_hbond.range_2_label_atom_id 
_pdbx_struct_sheet_hbond.range_2_label_comp_id 
_pdbx_struct_sheet_hbond.range_2_label_asym_id 
_pdbx_struct_sheet_hbond.range_2_label_seq_id 
_pdbx_struct_sheet_hbond.range_2_PDB_ins_code 
_pdbx_struct_sheet_hbond.range_2_auth_atom_id 
_pdbx_struct_sheet_hbond.range_2_auth_comp_id 
_pdbx_struct_sheet_hbond.range_2_auth_asym_id 
_pdbx_struct_sheet_hbond.range_2_auth_seq_id 
AA1 1 2 O PHE B 4 ? O PHE B 101 N PHE A 4 ? N PHE A 101 
AA1 2 3 N GLY A 5 ? N GLY A 102 O PHE D 2 ? O PHE D 99  
AA1 3 4 O VAL D 3 ? O VAL D 100 N GLY C 5 ? N GLY C 102 
# 
loop_
_chem_comp_atom.comp_id 
_chem_comp_atom.atom_id 
_chem_comp_atom.type_symbol 
_chem_comp_atom.pdbx_aromatic_flag 
_chem_comp_atom.pdbx_stereo_config 
_chem_comp_atom.pdbx_ordinal 
ASN N    N N N 1  
ASN CA   C N S 2  
ASN C    C N N 3  
ASN O    O N N 4  
ASN CB   C N N 5  
ASN CG   C N N 6  
ASN OD1  O N N 7  
ASN ND2  N N N 8  
ASN OXT  O N N 9  
ASN H    H N N 10 
ASN H2   H N N 11 
ASN HA   H N N 12 
ASN HB2  H N N 13 
ASN HB3  H N N 14 
ASN HD21 H N N 15 
ASN HD22 H N N 16 
ASN HXT  H N N 17 
GLY N    N N N 18 
GLY CA   C N N 19 
GLY C    C N N 20 
GLY O    O N N 21 
GLY OXT  O N N 22 
GLY H    H N N 23 
GLY H2   H N N 24 
GLY HA2  H N N 25 
GLY HA3  H N N 26 
GLY HXT  H N N 27 
HOH O    O N N 28 
HOH H1   H N N 29 
HOH H2   H N N 30 
PHE N    N N N 31 
PHE CA   C N S 32 
PHE C    C N N 33 
PHE O    O N N 34 
PHE CB   C N N 35 
PHE CG   C Y N 36 
PHE CD1  C Y N 37 
PHE CD2  C Y N 38 
PHE CE1  C Y N 39 
PHE CE2  C Y N 40 
PHE CZ   C Y N 41 
PHE OXT  O N N 42 
PHE H    H N N 43 
PHE H2   H N N 44 
PHE HA   H N N 45 
PHE HB2  H N N 46 
PHE HB3  H N N 47 
PHE HD1  H N N 48 
PHE HD2  H N N 49 
PHE HE1  H N N 50 
PHE HE2  H N N 51 
PHE HZ   H N N 52 
PHE HXT  H N N 53 
THR N    N N N 54 
THR CA   C N S 55 
THR C    C N N 56 
THR O    O N N 57 
THR CB   C N R 58 
THR OG1  O N N 59 
THR CG2  C N N 60 
THR OXT  O N N 61 
THR H    H N N 62 
THR H2   H N N 63 
THR HA   H N N 64 
THR HB   H N N 65 
THR HG1  H N N 66 
THR HG21 H N N 67 
THR HG22 H N N 68 
THR HG23 H N N 69 
THR HXT  H N N 70 
VAL N    N N N 71 
VAL CA   C N S 72 
VAL C    C N N 73 
VAL O    O N N 74 
VAL CB   C N N 75 
VAL CG1  C N N 76 
VAL CG2  C N N 77 
VAL OXT  O N N 78 
VAL H    H N N 79 
VAL H2   H N N 80 
VAL HA   H N N 81 
VAL HB   H N N 82 
VAL HG11 H N N 83 
VAL HG12 H N N 84 
VAL HG13 H N N 85 
VAL HG21 H N N 86 
VAL HG22 H N N 87 
VAL HG23 H N N 88 
VAL HXT  H N N 89 
# 
loop_
_chem_comp_bond.comp_id 
_chem_comp_bond.atom_id_1 
_chem_comp_bond.atom_id_2 
_chem_comp_bond.value_order 
_chem_comp_bond.pdbx_aromatic_flag 
_chem_comp_bond.pdbx_stereo_config 
_chem_comp_bond.pdbx_ordinal 
ASN N   CA   sing N N 1  
ASN N   H    sing N N 2  
ASN N   H2   sing N N 3  
ASN CA  C    sing N N 4  
ASN CA  CB   sing N N 5  
ASN CA  HA   sing N N 6  
ASN C   O    doub N N 7  
ASN C   OXT  sing N N 8  
ASN CB  CG   sing N N 9  
ASN CB  HB2  sing N N 10 
ASN CB  HB3  sing N N 11 
ASN CG  OD1  doub N N 12 
ASN CG  ND2  sing N N 13 
ASN ND2 HD21 sing N N 14 
ASN ND2 HD22 sing N N 15 
ASN OXT HXT  sing N N 16 
GLY N   CA   sing N N 17 
GLY N   H    sing N N 18 
GLY N   H2   sing N N 19 
GLY CA  C    sing N N 20 
GLY CA  HA2  sing N N 21 
GLY CA  HA3  sing N N 22 
GLY C   O    doub N N 23 
GLY C   OXT  sing N N 24 
GLY OXT HXT  sing N N 25 
HOH O   H1   sing N N 26 
HOH O   H2   sing N N 27 
PHE N   CA   sing N N 28 
PHE N   H    sing N N 29 
PHE N   H2   sing N N 30 
PHE CA  C    sing N N 31 
PHE CA  CB   sing N N 32 
PHE CA  HA   sing N N 33 
PHE C   O    doub N N 34 
PHE C   OXT  sing N N 35 
PHE CB  CG   sing N N 36 
PHE CB  HB2  sing N N 37 
PHE CB  HB3  sing N N 38 
PHE CG  CD1  doub Y N 39 
PHE CG  CD2  sing Y N 40 
PHE CD1 CE1  sing Y N 41 
PHE CD1 HD1  sing N N 42 
PHE CD2 CE2  doub Y N 43 
PHE CD2 HD2  sing N N 44 
PHE CE1 CZ   doub Y N 45 
PHE CE1 HE1  sing N N 46 
PHE CE2 CZ   sing Y N 47 
PHE CE2 HE2  sing N N 48 
PHE CZ  HZ   sing N N 49 
PHE OXT HXT  sing N N 50 
THR N   CA   sing N N 51 
THR N   H    sing N N 52 
THR N   H2   sing N N 53 
THR CA  C    sing N N 54 
THR CA  CB   sing N N 55 
THR CA  HA   sing N N 56 
THR C   O    doub N N 57 
THR C   OXT  sing N N 58 
THR CB  OG1  sing N N 59 
THR CB  CG2  sing N N 60 
THR CB  HB   sing N N 61 
THR OG1 HG1  sing N N 62 
THR CG2 HG21 sing N N 63 
THR CG2 HG22 sing N N 64 
THR CG2 HG23 sing N N 65 
THR OXT HXT  sing N N 66 
VAL N   CA   sing N N 67 
VAL N   H    sing N N 68 
VAL N   H2   sing N N 69 
VAL CA  C    sing N N 70 
VAL CA  CB   sing N N 71 
VAL CA  HA   sing N N 72 
VAL C   O    doub N N 73 
VAL C   OXT  sing N N 74 
VAL CB  CG1  sing N N 75 
VAL CB  CG2  sing N N 76 
VAL CB  HB   sing N N 77 
VAL CG1 HG11 sing N N 78 
VAL CG1 HG12 sing N N 79 
VAL CG1 HG13 sing N N 80 
VAL CG2 HG21 sing N N 81 
VAL CG2 HG22 sing N N 82 
VAL CG2 HG23 sing N N 83 
VAL OXT HXT  sing N N 84 
# 
loop_
_pdbx_audit_support.funding_organization 
_pdbx_audit_support.country 
_pdbx_audit_support.grant_number 
_pdbx_audit_support.ordinal 
'National Institutes of Health/National Institute on Aging (NIH/NIA)'                      'United States' 1R01AG048120-01 1 
'National Institutes of Health/National Institute of General Medical Sciences (NIH/NIGMS)' 'United States' 'P41 GM103403'  2 
# 
_atom_sites.entry_id                    6DIX 
_atom_sites.fract_transf_matrix[1][1]   0.02695022 
_atom_sites.fract_transf_matrix[1][2]   0.05695427 
_atom_sites.fract_transf_matrix[1][3]   0.01169582 
_atom_sites.fract_transf_matrix[2][1]   -0.04445260 
_atom_sites.fract_transf_matrix[2][2]   0.03506316 
_atom_sites.fract_transf_matrix[2][3]   -0.06443707 
_atom_sites.fract_transf_matrix[3][1]   -0.02969369 
_atom_sites.fract_transf_matrix[3][2]   0.01989936 
_atom_sites.fract_transf_matrix[3][3]   0.03025164 
_atom_sites.fract_transf_vector[1]      0.472438 
_atom_sites.fract_transf_vector[2]      1.277744 
_atom_sites.fract_transf_vector[3]      0.790599 
# 
loop_
_atom_type.symbol 
C 
H 
N 
O 
# 
loop_
_atom_site.group_PDB 
_atom_site.id 
_atom_site.type_symbol 
_atom_site.label_atom_id 
_atom_site.label_alt_id 
_atom_site.label_comp_id 
_atom_site.label_asym_id 
_atom_site.label_entity_id 
_atom_site.label_seq_id 
_atom_site.pdbx_PDB_ins_code 
_atom_site.Cartn_x 
_atom_site.Cartn_y 
_atom_site.Cartn_z 
_atom_site.occupancy 
_atom_site.B_iso_or_equiv 
_atom_site.pdbx_formal_charge 
_atom_site.auth_seq_id 
_atom_site.auth_comp_id 
_atom_site.auth_asym_id 
_atom_site.auth_atom_id 
_atom_site.pdbx_PDB_model_num 
ATOM   1   N N    . ASN A 1 1 ? -7.148  4.446   4.282   1.00 16.00 ? 98  ASN A N    1 
ATOM   2   C CA   . ASN A 1 1 ? -6.505  3.156   4.580   1.00 9.76  ? 98  ASN A CA   1 
ATOM   3   C C    . ASN A 1 1 ? -5.408  2.901   3.564   1.00 8.15  ? 98  ASN A C    1 
ATOM   4   O O    . ASN A 1 1 ? -5.362  3.534   2.523   1.00 10.07 ? 98  ASN A O    1 
ATOM   5   C CB   . ASN A 1 1 ? -7.520  2.020   4.571   1.00 12.09 ? 98  ASN A CB   1 
ATOM   6   C CG   . ASN A 1 1 ? -8.305  1.936   5.855   1.00 12.28 ? 98  ASN A CG   1 
ATOM   7   O OD1  . ASN A 1 1 ? -7.715  1.708   6.905   1.00 15.08 ? 98  ASN A OD1  1 
ATOM   8   N ND2  . ASN A 1 1 ? -9.609  2.105   5.771   1.00 16.09 ? 98  ASN A ND2  1 
ATOM   9   H H1   . ASN A 1 1 ? -8.129  4.298   4.097   1.00 16.00 ? 98  ASN A H1   1 
ATOM   10  H H2   . ASN A 1 1 ? -6.732  4.840   3.511   1.00 16.00 ? 98  ASN A H2   1 
ATOM   11  H H3   . ASN A 1 1 ? -7.049  5.034   5.034   1.00 16.00 ? 98  ASN A H3   1 
ATOM   12  H HA   . ASN A 1 1 ? -6.121  3.200   5.488   1.00 9.76  ? 98  ASN A HA   1 
ATOM   13  H HB2  . ASN A 1 1 ? -8.151  2.164   3.835   1.00 12.09 ? 98  ASN A HB2  1 
ATOM   14  H HB3  . ASN A 1 1 ? -7.046  1.171   4.446   1.00 12.09 ? 98  ASN A HB3  1 
ATOM   15  N N    . PHE A 1 2 ? -4.551  1.956   3.922   1.00 7.11  ? 99  PHE A N    1 
ATOM   16  C CA   . PHE A 1 2 ? -3.392  1.612   3.128   1.00 6.05  ? 99  PHE A CA   1 
ATOM   17  C C    . PHE A 1 2 ? -3.368  0.114   2.871   1.00 5.31  ? 99  PHE A C    1 
ATOM   18  O O    . PHE A 1 2 ? -3.867  -0.687  3.677   1.00 5.88  ? 99  PHE A O    1 
ATOM   19  C CB   . PHE A 1 2 ? -2.098  1.950   3.872   1.00 7.42  ? 99  PHE A CB   1 
ATOM   20  C CG   . PHE A 1 2 ? -1.747  3.412   3.897   1.00 8.85  ? 99  PHE A CG   1 
ATOM   21  C CD1  . PHE A 1 2 ? -2.398  4.314   4.710   1.00 15.54 ? 99  PHE A CD1  1 
ATOM   22  C CD2  . PHE A 1 2 ? -0.723  3.877   3.092   1.00 11.51 ? 99  PHE A CD2  1 
ATOM   23  C CE1  . PHE A 1 2 ? -2.054  5.658   4.698   1.00 18.87 ? 99  PHE A CE1  1 
ATOM   24  C CE2  . PHE A 1 2 ? -0.374  5.218   3.078   1.00 15.33 ? 99  PHE A CE2  1 
ATOM   25  C CZ   . PHE A 1 2 ? -1.046  6.108   3.878   1.00 20.73 ? 99  PHE A CZ   1 
ATOM   26  H H    . PHE A 1 2 ? -4.720  1.461   4.786   1.00 7.11  ? 99  PHE A H    1 
ATOM   27  H HA   . PHE A 1 2 ? -3.459  2.076   2.255   1.00 6.05  ? 99  PHE A HA   1 
ATOM   28  H HB2  . PHE A 1 2 ? -2.177  1.629   4.795   1.00 7.42  ? 99  PHE A HB2  1 
ATOM   29  H HB3  . PHE A 1 2 ? -1.362  1.456   3.454   1.00 7.42  ? 99  PHE A HB3  1 
ATOM   30  H HD1  . PHE A 1 2 ? -3.093  4.014   5.277   1.00 15.54 ? 99  PHE A HD1  1 
ATOM   31  H HD2  . PHE A 1 2 ? -0.257  3.266   2.545   1.00 11.52 ? 99  PHE A HD2  1 
ATOM   32  H HE1  . PHE A 1 2 ? -2.510  6.264   5.261   1.00 18.86 ? 99  PHE A HE1  1 
ATOM   33  H HE2  . PHE A 1 2 ? 0.318   5.523   2.513   1.00 15.33 ? 99  PHE A HE2  1 
ATOM   34  H HZ   . PHE A 1 2 ? -0.816  7.024   3.873   1.00 20.73 ? 99  PHE A HZ   1 
ATOM   35  N N    . VAL A 1 3 ? -2.738  -0.245  1.752   1.00 4.47  ? 100 VAL A N    1 
ATOM   36  C CA   A VAL A 1 3 ? -2.321  -1.582  1.516   0.43 3.87  ? 100 VAL A CA   1 
ATOM   37  C CA   B VAL A 1 3 ? -2.303  -1.619  1.525   0.57 3.48  ? 100 VAL A CA   1 
ATOM   38  C C    . VAL A 1 3 ? -0.828  -1.555  1.168   1.00 3.06  ? 100 VAL A C    1 
ATOM   39  O O    . VAL A 1 3 ? -0.373  -0.660  0.459   1.00 4.18  ? 100 VAL A O    1 
ATOM   40  C CB   A VAL A 1 3 ? -3.184  -2.217  0.419   0.43 5.36  ? 100 VAL A CB   1 
ATOM   41  C CB   B VAL A 1 3 ? -3.064  -2.394  0.435   0.57 5.12  ? 100 VAL A CB   1 
ATOM   42  C CG1  A VAL A 1 3 ? -2.880  -3.697  0.318   0.43 5.53  ? 100 VAL A CG1  1 
ATOM   43  C CG1  B VAL A 1 3 ? -4.497  -2.675  0.824   0.57 6.42  ? 100 VAL A CG1  1 
ATOM   44  C CG2  A VAL A 1 3 ? -4.668  -1.977  0.672   0.43 6.16  ? 100 VAL A CG2  1 
ATOM   45  C CG2  B VAL A 1 3 ? -2.972  -1.728  -0.927  0.57 5.48  ? 100 VAL A CG2  1 
ATOM   46  H H    . VAL A 1 3 ? -2.553  0.459   1.053   1.00 4.47  ? 100 VAL A H    1 
ATOM   47  H HA   A VAL A 1 3 ? -2.436  -2.089  2.339   0.43 3.87  ? 100 VAL A HA   1 
ATOM   48  H HA   B VAL A 1 3 ? -2.416  -2.118  2.354   0.57 3.48  ? 100 VAL A HA   1 
ATOM   49  H HB   A VAL A 1 3 ? -2.947  -1.775  -0.433  0.43 5.36  ? 100 VAL A HB   1 
ATOM   50  H HB   B VAL A 1 3 ? -2.636  -3.282  0.355   0.57 5.12  ? 100 VAL A HB   1 
ATOM   51  H HG11 A VAL A 1 3 ? -1.941  -3.821  0.099   0.43 5.53  ? 100 VAL A HG11 1 
ATOM   52  H HG11 B VAL A 1 3 ? -4.514  -3.206  1.639   0.57 6.42  ? 100 VAL A HG11 1 
ATOM   53  H HG12 A VAL A 1 3 ? -3.431  -4.094  -0.379  0.43 5.53  ? 100 VAL A HG12 1 
ATOM   54  H HG12 B VAL A 1 3 ? -4.939  -3.164  0.108   0.57 6.42  ? 100 VAL A HG12 1 
ATOM   55  H HG13 A VAL A 1 3 ? -3.074  -4.127  1.169   0.43 5.53  ? 100 VAL A HG13 1 
ATOM   56  H HG13 B VAL A 1 3 ? -4.963  -1.835  0.976   0.57 6.42  ? 100 VAL A HG13 1 
ATOM   57  H HG21 A VAL A 1 3 ? -4.920  -2.366  1.528   0.43 6.16  ? 100 VAL A HG21 1 
ATOM   58  H HG21 B VAL A 1 3 ? -3.352  -0.833  -0.877  0.57 5.49  ? 100 VAL A HG21 1 
ATOM   59  H HG22 A VAL A 1 3 ? -5.189  -2.389  -0.038  0.43 6.16  ? 100 VAL A HG22 1 
ATOM   60  H HG22 B VAL A 1 3 ? -3.466  -2.254  -1.579  0.57 5.49  ? 100 VAL A HG22 1 
ATOM   61  H HG23 A VAL A 1 3 ? -4.844  -1.019  0.688   0.43 6.16  ? 100 VAL A HG23 1 
ATOM   62  H HG23 B VAL A 1 3 ? -2.040  -1.668  -1.197  0.57 5.49  ? 100 VAL A HG23 1 
ATOM   63  N N    . PHE A 1 4 ? -0.100  -2.542  1.670   1.00 3.08  ? 101 PHE A N    1 
ATOM   64  C CA   . PHE A 1 4 ? 1.329   -2.682  1.457   1.00 3.06  ? 101 PHE A CA   1 
ATOM   65  C C    . PHE A 1 4 ? 1.593   -4.096  0.959   1.00 2.98  ? 101 PHE A C    1 
ATOM   66  O O    . PHE A 1 4 ? 1.062   -5.041  1.537   1.00 4.36  ? 101 PHE A O    1 
ATOM   67  C CB   . PHE A 1 4 ? 2.082   -2.528  2.777   1.00 3.44  ? 101 PHE A CB   1 
ATOM   68  C CG   . PHE A 1 4 ? 1.764   -1.311  3.605   1.00 3.35  ? 101 PHE A CG   1 
ATOM   69  C CD1  . PHE A 1 4 ? 0.706   -1.329  4.500   1.00 4.06  ? 101 PHE A CD1  1 
ATOM   70  C CD2  . PHE A 1 4 ? 2.544   -0.173  3.525   1.00 4.02  ? 101 PHE A CD2  1 
ATOM   71  C CE1  . PHE A 1 4 ? 0.445   -0.231  5.305   1.00 4.95  ? 101 PHE A CE1  1 
ATOM   72  C CE2  . PHE A 1 4 ? 2.274   0.926   4.324   1.00 4.91  ? 101 PHE A CE2  1 
ATOM   73  C CZ   . PHE A 1 4 ? 1.226   0.892   5.216   1.00 5.28  ? 101 PHE A CZ   1 
ATOM   74  H H    . PHE A 1 4 ? -0.584  -3.229  2.231   1.00 3.08  ? 101 PHE A H    1 
ATOM   75  H HA   . PHE A 1 4 ? 1.609   -2.034  0.761   1.00 3.06  ? 101 PHE A HA   1 
ATOM   76  H HB2  . PHE A 1 4 ? 1.906   -3.319  3.328   1.00 3.44  ? 101 PHE A HB2  1 
ATOM   77  H HB3  . PHE A 1 4 ? 3.044   -2.516  2.585   1.00 3.44  ? 101 PHE A HB3  1 
ATOM   78  H HD1  . PHE A 1 4 ? 0.183   -2.110  4.589   1.00 4.06  ? 101 PHE A HD1  1 
ATOM   79  H HD2  . PHE A 1 4 ? 3.268   -0.146  2.920   1.00 4.02  ? 101 PHE A HD2  1 
ATOM   80  H HE1  . PHE A 1 4 ? -0.279  -0.255  5.911   1.00 4.95  ? 101 PHE A HE1  1 
ATOM   81  H HE2  . PHE A 1 4 ? 2.812   1.699   4.261   1.00 4.91  ? 101 PHE A HE2  1 
ATOM   82  H HZ   . PHE A 1 4 ? 1.045   1.638   5.766   1.00 5.28  ? 101 PHE A HZ   1 
ATOM   83  N N    . GLY A 1 5 ? 2.462   -4.227  -0.047  1.00 3.13  ? 102 GLY A N    1 
ATOM   84  C CA   . GLY A 1 5 ? 2.796   -5.546  -0.530  1.00 3.53  ? 102 GLY A CA   1 
ATOM   85  C C    . GLY A 1 5 ? 4.269   -5.683  -0.817  1.00 3.20  ? 102 GLY A C    1 
ATOM   86  O O    . GLY A 1 5 ? 4.929   -4.739  -1.276  1.00 3.62  ? 102 GLY A O    1 
ATOM   87  H H    . GLY A 1 5 ? 2.891   -3.422  -0.479  1.00 3.13  ? 102 GLY A H    1 
ATOM   88  H HA2  . GLY A 1 5 ? 2.530   -6.216  0.149   1.00 3.53  ? 102 GLY A HA2  1 
ATOM   89  H HA3  . GLY A 1 5 ? 2.282   -5.727  -1.357  1.00 3.53  ? 102 GLY A HA3  1 
ATOM   90  N N    . THR A 1 6 ? 4.784   -6.889  -0.566  1.00 3.81  ? 103 THR A N    1 
ATOM   91  C CA   . THR A 1 6 ? 6.107   -7.251  -0.988  1.00 4.63  ? 103 THR A CA   1 
ATOM   92  C C    . THR A 1 6 ? 6.199   -7.367  -2.522  1.00 5.57  ? 103 THR A C    1 
ATOM   93  O O    . THR A 1 6 ? 5.162   -7.573  -3.200  1.00 6.65  ? 103 THR A O    1 
ATOM   94  C CB   . THR A 1 6 ? 6.561   -8.561  -0.341  1.00 5.24  ? 103 THR A CB   1 
ATOM   95  O OG1  . THR A 1 6 ? 5.688   -9.620  -0.728  1.00 5.59  ? 103 THR A OG1  1 
ATOM   96  C CG2  . THR A 1 6 ? 6.581   -8.492  1.168   1.00 6.10  ? 103 THR A CG2  1 
ATOM   97  O OXT  . THR A 1 6 ? 7.337   -7.323  -3.043  1.00 7.02  ? 103 THR A OXT  1 
ATOM   98  H H    . THR A 1 6 ? 4.225   -7.565  -0.065  1.00 3.81  ? 103 THR A H    1 
ATOM   99  H HA   . THR A 1 6 ? 6.723   -6.535  -0.707  1.00 4.63  ? 103 THR A HA   1 
ATOM   100 H HB   . THR A 1 6 ? 7.471   -8.766  -0.663  1.00 5.24  ? 103 THR A HB   1 
ATOM   101 H HG21 . THR A 1 6 ? 7.194   -7.792  1.455   1.00 6.10  ? 103 THR A HG21 1 
ATOM   102 H HG22 . THR A 1 6 ? 6.876   -9.347  1.530   1.00 6.10  ? 103 THR A HG22 1 
ATOM   103 H HG23 . THR A 1 6 ? 5.686   -8.294  1.498   1.00 6.10  ? 103 THR A HG23 1 
ATOM   104 N N    . ASN B 1 1 ? 5.646   -14.040 0.134   1.00 9.14  ? 98  ASN B N    1 
ATOM   105 C CA   . ASN B 1 1 ? 4.812   -12.944 -0.390  1.00 8.40  ? 98  ASN B CA   1 
ATOM   106 C C    . ASN B 1 1 ? 3.939   -12.468 0.754   1.00 7.38  ? 98  ASN B C    1 
ATOM   107 O O    . ASN B 1 1 ? 3.470   -13.290 1.538   1.00 9.31  ? 98  ASN B O    1 
ATOM   108 C CB   . ASN B 1 1 ? 3.950   -13.403 -1.560  1.00 11.77 ? 98  ASN B CB   1 
ATOM   109 C CG   . ASN B 1 1 ? 3.254   -12.259 -2.260  1.00 15.11 ? 98  ASN B CG   1 
ATOM   110 O OD1  . ASN B 1 1 ? 3.882   -11.455 -2.945  1.00 24.11 ? 98  ASN B OD1  1 
ATOM   111 N ND2  . ASN B 1 1 ? 1.951   -12.159 -2.064  1.00 22.31 ? 98  ASN B ND2  1 
ATOM   112 H H1   . ASN B 1 1 ? 5.460   -14.883 -0.389  1.00 9.14  ? 98  ASN B H1   1 
ATOM   113 H H2   . ASN B 1 1 ? 5.437   -14.185 1.060   1.00 9.14  ? 98  ASN B H2   1 
ATOM   114 H H3   . ASN B 1 1 ? 6.573   -13.806 0.048   1.00 9.14  ? 98  ASN B H3   1 
ATOM   115 H HA   . ASN B 1 1 ? 5.406   -12.223 -0.708  1.00 8.40  ? 98  ASN B HA   1 
ATOM   116 H HB2  . ASN B 1 1 ? 4.520   -13.859 -2.215  1.00 11.77 ? 98  ASN B HB2  1 
ATOM   117 H HB3  . ASN B 1 1 ? 3.263   -14.018 -1.226  1.00 11.77 ? 98  ASN B HB3  1 
ATOM   118 N N    . PHE B 1 2 ? 3.738   -11.155 0.852   1.00 5.80  ? 99  PHE B N    1 
ATOM   119 C CA   . PHE B 1 2 ? 2.930   -10.655 1.935   1.00 4.55  ? 99  PHE B CA   1 
ATOM   120 C C    . PHE B 1 2 ? 2.199   -9.398  1.487   1.00 4.44  ? 99  PHE B C    1 
ATOM   121 O O    . PHE B 1 2 ? 2.809   -8.525  0.880   1.00 6.28  ? 99  PHE B O    1 
ATOM   122 C CB   . PHE B 1 2 ? 3.758   -10.358 3.191   1.00 5.92  ? 99  PHE B CB   1 
ATOM   123 C CG   . PHE B 1 2 ? 2.955   -10.501 4.454   1.00 6.09  ? 99  PHE B CG   1 
ATOM   124 C CD1  . PHE B 1 2 ? 2.180   -9.463  4.955   1.00 7.14  ? 99  PHE B CD1  1 
ATOM   125 C CD2  . PHE B 1 2 ? 2.935   -11.725 5.096   1.00 8.32  ? 99  PHE B CD2  1 
ATOM   126 C CE1  . PHE B 1 2 ? 1.419   -9.644  6.098   1.00 9.15  ? 99  PHE B CE1  1 
ATOM   127 C CE2  . PHE B 1 2 ? 2.177   -11.905 6.236   1.00 10.09 ? 99  PHE B CE2  1 
ATOM   128 C CZ   . PHE B 1 2 ? 1.430   -10.862 6.725   1.00 10.62 ? 99  PHE B CZ   1 
ATOM   129 H H    . PHE B 1 2 ? 4.134   -10.502 0.191   1.00 5.80  ? 99  PHE B H    1 
ATOM   130 H HA   . PHE B 1 2 ? 2.256   -11.341 2.170   1.00 4.55  ? 99  PHE B HA   1 
ATOM   131 H HB2  . PHE B 1 2 ? 4.525   -10.969 3.209   1.00 5.92  ? 99  PHE B HB2  1 
ATOM   132 H HB3  . PHE B 1 2 ? 4.115   -9.447  3.120   1.00 5.92  ? 99  PHE B HB3  1 
ATOM   133 H HD1  . PHE B 1 2 ? 2.151   -8.638  4.496   1.00 7.13  ? 99  PHE B HD1  1 
ATOM   134 H HD2  . PHE B 1 2 ? 3.443   -12.442 4.753   1.00 8.32  ? 99  PHE B HD2  1 
ATOM   135 H HE1  . PHE B 1 2 ? 0.894   -8.932  6.431   1.00 9.15  ? 99  PHE B HE1  1 
ATOM   136 H HE2  . PHE B 1 2 ? 2.173   -12.737 6.683   1.00 10.09 ? 99  PHE B HE2  1 
ATOM   137 H HZ   . PHE B 1 2 ? 0.914   -10.996 7.506   1.00 10.62 ? 99  PHE B HZ   1 
ATOM   138 N N    . VAL B 1 3 ? 0.915   -9.320  1.826   1.00 3.68  ? 100 VAL B N    1 
ATOM   139 C CA   . VAL B 1 3 ? 0.136   -8.102  1.684   1.00 3.62  ? 100 VAL B CA   1 
ATOM   140 C C    . VAL B 1 3 ? -0.534  -7.821  3.026   1.00 3.50  ? 100 VAL B C    1 
ATOM   141 O O    . VAL B 1 3 ? -1.124  -8.707  3.628   1.00 3.87  ? 100 VAL B O    1 
ATOM   142 C CB   . VAL B 1 3 ? -0.907  -8.194  0.556   1.00 4.77  ? 100 VAL B CB   1 
ATOM   143 C CG1  . VAL B 1 3 ? -1.662  -6.881  0.406   1.00 5.79  ? 100 VAL B CG1  1 
ATOM   144 C CG2  . VAL B 1 3 ? -0.288  -8.605  -0.768  1.00 5.46  ? 100 VAL B CG2  1 
ATOM   145 H H    . VAL B 1 3 ? 0.471   -10.148 2.197   1.00 3.68  ? 100 VAL B H    1 
ATOM   146 H HA   . VAL B 1 3 ? 0.744   -7.371  1.473   1.00 3.62  ? 100 VAL B HA   1 
ATOM   147 H HB   . VAL B 1 3 ? -1.554  -8.898  0.811   1.00 4.77  ? 100 VAL B HB   1 
ATOM   148 H HG11 . VAL B 1 3 ? -2.120  -6.673  1.239   1.00 5.79  ? 100 VAL B HG11 1 
ATOM   149 H HG12 . VAL B 1 3 ? -2.314  -6.961  -0.311  1.00 5.79  ? 100 VAL B HG12 1 
ATOM   150 H HG13 . VAL B 1 3 ? -1.034  -6.168  0.195   1.00 5.79  ? 100 VAL B HG13 1 
ATOM   151 H HG21 . VAL B 1 3 ? 0.383   -7.951  -1.030  1.00 5.46  ? 100 VAL B HG21 1 
ATOM   152 H HG22 . VAL B 1 3 ? -0.981  -8.651  -1.450  1.00 5.46  ? 100 VAL B HG22 1 
ATOM   153 H HG23 . VAL B 1 3 ? 0.131   -9.478  -0.674  1.00 5.46  ? 100 VAL B HG23 1 
ATOM   154 N N    . PHE B 1 4 ? -0.451  -6.560  3.445   1.00 3.74  ? 101 PHE B N    1 
ATOM   155 C CA   . PHE B 1 4 ? -1.074  -6.094  4.685   1.00 3.37  ? 101 PHE B CA   1 
ATOM   156 C C    . PHE B 1 4 ? -1.977  -4.912  4.359   1.00 2.83  ? 101 PHE B C    1 
ATOM   157 O O    . PHE B 1 4 ? -1.512  -3.960  3.735   1.00 4.05  ? 101 PHE B O    1 
ATOM   158 C CB   . PHE B 1 4 ? 0.008   -5.648  5.661   1.00 4.58  ? 101 PHE B CB   1 
ATOM   159 C CG   . PHE B 1 4 ? -0.487  -5.066  6.957   1.00 5.53  ? 101 PHE B CG   1 
ATOM   160 C CD1  . PHE B 1 4 ? -1.446  -5.708  7.728   1.00 9.56  ? 101 PHE B CD1  1 
ATOM   161 C CD2  . PHE B 1 4 ? 0.038   -3.882  7.437   1.00 7.21  ? 101 PHE B CD2  1 
ATOM   162 C CE1  . PHE B 1 4 ? -1.868  -5.174  8.938   1.00 13.06 ? 101 PHE B CE1  1 
ATOM   163 C CE2  . PHE B 1 4 ? -0.380  -3.357  8.652   1.00 10.06 ? 101 PHE B CE2  1 
ATOM   164 C CZ   . PHE B 1 4 ? -1.331  -4.001  9.402   1.00 14.26 ? 101 PHE B CZ   1 
ATOM   165 H H    . PHE B 1 4 ? 0.065   -5.904  2.876   1.00 3.74  ? 101 PHE B H    1 
ATOM   166 H HA   . PHE B 1 4 ? -1.628  -6.828  5.056   1.00 3.37  ? 101 PHE B HA   1 
ATOM   167 H HB2  . PHE B 1 4 ? 0.577   -6.419  5.865   1.00 4.58  ? 101 PHE B HB2  1 
ATOM   168 H HB3  . PHE B 1 4 ? 0.570   -4.981  5.216   1.00 4.58  ? 101 PHE B HB3  1 
ATOM   169 H HD1  . PHE B 1 4 ? -1.803  -6.532  7.437   1.00 9.56  ? 101 PHE B HD1  1 
ATOM   170 H HD2  . PHE B 1 4 ? 0.690   -3.426  6.930   1.00 7.21  ? 101 PHE B HD2  1 
ATOM   171 H HE1  . PHE B 1 4 ? -2.522  -5.625  9.447   1.00 13.06 ? 101 PHE B HE1  1 
ATOM   172 H HE2  . PHE B 1 4 ? -0.004  -2.549  8.964   1.00 10.06 ? 101 PHE B HE2  1 
ATOM   173 H HZ   . PHE B 1 4 ? -1.621  -3.642  10.225  1.00 14.26 ? 101 PHE B HZ   1 
ATOM   174 N N    . GLY B 1 5 ? -3.215  -4.952  4.827   1.00 3.34  ? 102 GLY B N    1 
ATOM   175 C CA   . GLY B 1 5 ? -4.093  -3.817  4.704   1.00 3.98  ? 102 GLY B CA   1 
ATOM   176 C C    . GLY B 1 5 ? -4.491  -3.302  6.067   1.00 4.04  ? 102 GLY B C    1 
ATOM   177 O O    . GLY B 1 5 ? -4.820  -4.079  6.955   1.00 5.01  ? 102 GLY B O    1 
ATOM   178 H H    . GLY B 1 5 ? -3.554  -5.789  5.279   1.00 3.33  ? 102 GLY B H    1 
ATOM   179 H HA2  . GLY B 1 5 ? -3.630  -3.105  4.196   1.00 3.98  ? 102 GLY B HA2  1 
ATOM   180 H HA3  . GLY B 1 5 ? -4.898  -4.085  4.196   1.00 3.98  ? 102 GLY B HA3  1 
ATOM   181 N N    . THR B 1 6 ? -4.488  -1.979  6.217   1.00 4.08  ? 103 THR B N    1 
ATOM   182 C CA   . THR B 1 6 ? -4.903  -1.372  7.454   1.00 5.28  ? 103 THR B CA   1 
ATOM   183 C C    . THR B 1 6 ? -6.425  -1.372  7.591   1.00 6.58  ? 103 THR B C    1 
ATOM   184 O O    . THR B 1 6 ? -7.145  -1.527  6.584   1.00 7.79  ? 103 THR B O    1 
ATOM   185 C CB   . THR B 1 6 ? -4.366  0.049   7.583   1.00 7.26  ? 103 THR B CB   1 
ATOM   186 O OG1  . THR B 1 6 ? -4.947  0.890   6.588   1.00 9.35  ? 103 THR B OG1  1 
ATOM   187 C CG2  . THR B 1 6 ? -2.865  0.100   7.478   1.00 10.11 ? 103 THR B CG2  1 
ATOM   188 O OXT  . THR B 1 6 ? -6.873  -1.233  8.731   1.00 10.40 ? 103 THR B OXT  1 
ATOM   189 H H    . THR B 1 6 ? -4.191  -1.388  5.454   1.00 4.08  ? 103 THR B H    1 
ATOM   190 H HA   . THR B 1 6 ? -4.536  -1.907  8.195   1.00 5.28  ? 103 THR B HA   1 
ATOM   191 H HB   . THR B 1 6 ? -4.642  0.405   8.462   1.00 7.26  ? 103 THR B HB   1 
ATOM   192 H HG21 . THR B 1 6 ? -2.469  -0.437  8.189   1.00 10.11 ? 103 THR B HG21 1 
ATOM   193 H HG22 . THR B 1 6 ? -2.563  1.022   7.567   1.00 10.11 ? 103 THR B HG22 1 
ATOM   194 H HG23 . THR B 1 6 ? -2.586  -0.250  6.614   1.00 10.11 ? 103 THR B HG23 1 
ATOM   195 N N    . ASN C 1 1 ? -5.342  13.322  0.504   1.00 8.74  ? 98  ASN C N    1 
ATOM   196 C CA   . ASN C 1 1 ? -3.980  12.766  0.393   1.00 7.66  ? 98  ASN C CA   1 
ATOM   197 C C    . ASN C 1 1 ? -4.082  11.478  -0.422  1.00 6.62  ? 98  ASN C C    1 
ATOM   198 O O    . ASN C 1 1 ? -5.082  10.768  -0.285  1.00 8.63  ? 98  ASN C O    1 
ATOM   199 C CB   . ASN C 1 1 ? -3.498  12.486  1.824   1.00 12.33 ? 98  ASN C CB   1 
ATOM   200 C CG   . ASN C 1 1 ? -2.013  12.263  2.011   1.00 19.72 ? 98  ASN C CG   1 
ATOM   201 O OD1  . ASN C 1 1 ? -1.614  11.402  2.801   1.00 29.95 ? 98  ASN C OD1  1 
ATOM   202 N ND2  . ASN C 1 1 ? -1.196  13.064  1.351   1.00 27.71 ? 98  ASN C ND2  1 
ATOM   203 H H1   . ASN C 1 1 ? -5.602  13.385  1.479   1.00 8.74  ? 98  ASN C H1   1 
ATOM   204 H H2   . ASN C 1 1 ? -5.959  12.749  0.044   1.00 8.74  ? 98  ASN C H2   1 
ATOM   205 H H3   . ASN C 1 1 ? -5.363  14.197  0.110   1.00 8.74  ? 98  ASN C H3   1 
ATOM   206 H HA   . ASN C 1 1 ? -3.407  13.428  -0.063  1.00 7.66  ? 98  ASN C HA   1 
ATOM   207 H HB2  . ASN C 1 1 ? -3.730  13.250  2.392   1.00 12.33 ? 98  ASN C HB2  1 
ATOM   208 H HB3  . ASN C 1 1 ? -3.938  11.675  2.154   1.00 12.33 ? 98  ASN C HB3  1 
ATOM   209 N N    . PHE C 1 2 ? -3.040  11.137  -1.166  1.00 4.66  ? 99  PHE C N    1 
ATOM   210 C CA   . PHE C 1 2 ? -2.921  9.763   -1.626  1.00 4.66  ? 99  PHE C CA   1 
ATOM   211 C C    . PHE C 1 2 ? -1.445  9.425   -1.774  1.00 3.81  ? 99  PHE C C    1 
ATOM   212 O O    . PHE C 1 2 ? -0.594  10.303  -1.974  1.00 4.00  ? 99  PHE C O    1 
ATOM   213 C CB   . PHE C 1 2 ? -3.654  9.487   -2.943  1.00 5.77  ? 99  PHE C CB   1 
ATOM   214 C CG   . PHE C 1 2 ? -3.012  10.096  -4.162  1.00 5.91  ? 99  PHE C CG   1 
ATOM   215 C CD1  . PHE C 1 2 ? -2.022  9.421   -4.862  1.00 5.91  ? 99  PHE C CD1  1 
ATOM   216 C CD2  . PHE C 1 2 ? -3.367  11.353  -4.596  1.00 6.57  ? 99  PHE C CD2  1 
ATOM   217 C CE1  . PHE C 1 2 ? -1.410  9.986   -5.969  1.00 7.22  ? 99  PHE C CE1  1 
ATOM   218 C CE2  . PHE C 1 2 ? -2.754  11.923  -5.701  1.00 7.50  ? 99  PHE C CE2  1 
ATOM   219 C CZ   . PHE C 1 2 ? -1.782  11.241  -6.390  1.00 7.34  ? 99  PHE C CZ   1 
ATOM   220 H H    . PHE C 1 2 ? -2.327  11.805  -1.421  1.00 4.66  ? 99  PHE C H    1 
ATOM   221 H HA   . PHE C 1 2 ? -3.319  9.166   -0.942  1.00 4.66  ? 99  PHE C HA   1 
ATOM   222 H HB2  . PHE C 1 2 ? -3.713  8.517   -3.067  1.00 5.77  ? 99  PHE C HB2  1 
ATOM   223 H HB3  . PHE C 1 2 ? -4.570  9.827   -2.865  1.00 5.77  ? 99  PHE C HB3  1 
ATOM   224 H HD1  . PHE C 1 2 ? -1.745  8.567   -4.570  1.00 5.91  ? 99  PHE C HD1  1 
ATOM   225 H HD2  . PHE C 1 2 ? -4.037  11.831  -4.133  1.00 6.57  ? 99  PHE C HD2  1 
ATOM   226 H HE1  . PHE C 1 2 ? -0.739  9.507   -6.429  1.00 7.22  ? 99  PHE C HE1  1 
ATOM   227 H HE2  . PHE C 1 2 ? -3.015  12.784  -5.984  1.00 7.50  ? 99  PHE C HE2  1 
ATOM   228 H HZ   . PHE C 1 2 ? -1.366  11.628  -7.144  1.00 7.34  ? 99  PHE C HZ   1 
ATOM   229 N N    . VAL C 1 3 ? -1.179  8.123   -1.701  1.00 3.68  ? 100 VAL C N    1 
ATOM   230 C CA   A VAL C 1 3 ? 0.160   7.593   -1.897  0.48 3.54  ? 100 VAL C CA   1 
ATOM   231 C CA   B VAL C 1 3 ? 0.132   7.556   -1.849  0.52 3.90  ? 100 VAL C CA   1 
ATOM   232 C C    . VAL C 1 3 ? 0.067   6.437   -2.888  1.00 3.22  ? 100 VAL C C    1 
ATOM   233 O O    . VAL C 1 3 ? -0.817  5.589   -2.808  1.00 3.53  ? 100 VAL C O    1 
ATOM   234 C CB   A VAL C 1 3 ? 0.815   7.168   -0.565  0.48 7.56  ? 100 VAL C CB   1 
ATOM   235 C CB   B VAL C 1 3 ? 0.597   7.056   -0.470  0.52 6.82  ? 100 VAL C CB   1 
ATOM   236 C CG1  A VAL C 1 3 ? 0.493   8.146   0.557   0.48 5.64  ? 100 VAL C CG1  1 
ATOM   237 C CG1  B VAL C 1 3 ? 1.608   5.943   -0.543  0.52 6.81  ? 100 VAL C CG1  1 
ATOM   238 C CG2  A VAL C 1 3 ? 0.427   5.781   -0.096  0.48 7.92  ? 100 VAL C CG2  1 
ATOM   239 C CG2  B VAL C 1 3 ? 1.192   8.199   0.337   0.52 7.17  ? 100 VAL C CG2  1 
ATOM   240 H H    . VAL C 1 3 ? -1.937  7.487   -1.501  1.00 3.69  ? 100 VAL C H    1 
ATOM   241 H HA   A VAL C 1 3 ? 0.724   8.306   -2.245  0.48 3.54  ? 100 VAL C HA   1 
ATOM   242 H HA   B VAL C 1 3 ? 0.732   8.250   -2.176  0.52 3.90  ? 100 VAL C HA   1 
ATOM   243 H HB   A VAL C 1 3 ? 1.792   7.150   -0.712  0.48 7.56  ? 100 VAL C HB   1 
ATOM   244 H HB   B VAL C 1 3 ? -0.204  6.724   0.007   0.52 6.83  ? 100 VAL C HB   1 
ATOM   245 H HG11 A VAL C 1 3 ? 0.823   9.031   0.322   0.48 5.64  ? 100 VAL C HG11 1 
ATOM   246 H HG11 B VAL C 1 3 ? 1.222   5.184   -1.014  0.52 6.81  ? 100 VAL C HG11 1 
ATOM   247 H HG12 A VAL C 1 3 ? 0.919   7.850   1.380   0.48 5.64  ? 100 VAL C HG12 1 
ATOM   248 H HG12 B VAL C 1 3 ? 1.861   5.674   0.357   0.52 6.81  ? 100 VAL C HG12 1 
ATOM   249 H HG13 A VAL C 1 3 ? -0.471  8.185   0.687   0.48 5.64  ? 100 VAL C HG13 1 
ATOM   250 H HG13 B VAL C 1 3 ? 2.397   6.253   -1.021  0.52 6.81  ? 100 VAL C HG13 1 
ATOM   251 H HG21 A VAL C 1 3 ? -0.537  5.739   0.035   0.48 7.92  ? 100 VAL C HG21 1 
ATOM   252 H HG21 B VAL C 1 3 ? 1.954   8.570   -0.139  0.52 7.17  ? 100 VAL C HG21 1 
ATOM   253 H HG22 A VAL C 1 3 ? 0.877   5.584   0.745   0.48 7.92  ? 100 VAL C HG22 1 
ATOM   254 H HG22 B VAL C 1 3 ? 1.480   7.868   1.205   0.52 7.17  ? 100 VAL C HG22 1 
ATOM   255 H HG23 A VAL C 1 3 ? 0.691   5.125   -0.765  0.48 7.92  ? 100 VAL C HG23 1 
ATOM   256 H HG23 B VAL C 1 3 ? 0.520   8.892   0.462   0.52 7.17  ? 100 VAL C HG23 1 
ATOM   257 N N    . PHE C 1 4 ? 1.031   6.430   -3.808  1.00 3.35  ? 101 PHE C N    1 
ATOM   258 C CA   . PHE C 1 4 ? 1.046   5.459   -4.897  1.00 3.61  ? 101 PHE C CA   1 
ATOM   259 C C    . PHE C 1 4 ? 2.490   5.074   -5.204  1.00 3.13  ? 101 PHE C C    1 
ATOM   260 O O    . PHE C 1 4 ? 3.173   5.781   -5.934  1.00 4.28  ? 101 PHE C O    1 
ATOM   261 C CB   . PHE C 1 4 ? 0.370   6.071   -6.121  1.00 3.98  ? 101 PHE C CB   1 
ATOM   262 C CG   . PHE C 1 4 ? 0.440   5.244   -7.387  1.00 4.24  ? 101 PHE C CG   1 
ATOM   263 C CD1  . PHE C 1 4 ? -0.074  3.959   -7.443  1.00 4.80  ? 101 PHE C CD1  1 
ATOM   264 C CD2  . PHE C 1 4 ? 0.941   5.794   -8.556  1.00 6.19  ? 101 PHE C CD2  1 
ATOM   265 C CE1  . PHE C 1 4 ? -0.062  3.239   -8.626  1.00 6.04  ? 101 PHE C CE1  1 
ATOM   266 C CE2  . PHE C 1 4 ? 0.949   5.073   -9.743  1.00 7.00  ? 101 PHE C CE2  1 
ATOM   267 C CZ   . PHE C 1 4 ? 0.431   3.803   -9.772  1.00 6.87  ? 101 PHE C CZ   1 
ATOM   268 H H    . PHE C 1 4 ? 1.770   7.116   -3.748  1.00 3.35  ? 101 PHE C H    1 
ATOM   269 H HA   . PHE C 1 4 ? 0.559   4.648   -4.603  1.00 3.61  ? 101 PHE C HA   1 
ATOM   270 H HB2  . PHE C 1 4 ? -0.573  6.229   -5.906  1.00 3.98  ? 101 PHE C HB2  1 
ATOM   271 H HB3  . PHE C 1 4 ? 0.778   6.943   -6.297  1.00 3.98  ? 101 PHE C HB3  1 
ATOM   272 H HD1  . PHE C 1 4 ? -0.480  3.585   -6.677  1.00 4.80  ? 101 PHE C HD1  1 
ATOM   273 H HD2  . PHE C 1 4 ? 1.281   6.675   -8.540  1.00 6.19  ? 101 PHE C HD2  1 
ATOM   274 H HE1  . PHE C 1 4 ? -0.417  2.365   -8.647  1.00 6.04  ? 101 PHE C HE1  1 
ATOM   275 H HE2  . PHE C 1 4 ? 1.288   5.460   -10.533 1.00 7.00  ? 101 PHE C HE2  1 
ATOM   276 H HZ   . PHE C 1 4 ? 0.438   3.309   -10.576 1.00 6.87  ? 101 PHE C HZ   1 
ATOM   277 N N    . GLY C 1 5 ? 2.941   3.985   -4.603  1.00 3.70  ? 102 GLY C N    1 
ATOM   278 C CA   . GLY C 1 5 ? 4.297   3.513   -4.765  1.00 4.33  ? 102 GLY C CA   1 
ATOM   279 C C    . GLY C 1 5 ? 4.298   2.143   -5.403  1.00 4.28  ? 102 GLY C C    1 
ATOM   280 O O    . GLY C 1 5 ? 3.600   1.240   -4.931  1.00 5.50  ? 102 GLY C O    1 
ATOM   281 H H    . GLY C 1 5 ? 2.307   3.468   -4.010  1.00 3.69  ? 102 GLY C H    1 
ATOM   282 H HA2  . GLY C 1 5 ? 4.797   4.154   -5.329  1.00 4.33  ? 102 GLY C HA2  1 
ATOM   283 H HA3  . GLY C 1 5 ? 4.735   3.478   -3.877  1.00 4.33  ? 102 GLY C HA3  1 
ATOM   284 N N    . THR C 1 6 ? 5.065   1.996   -6.479  1.00 6.33  ? 103 THR C N    1 
ATOM   285 C CA   . THR C 1 6 ? 5.207   0.732   -7.157  1.00 8.63  ? 103 THR C CA   1 
ATOM   286 C C    . THR C 1 6 ? 6.669   0.531   -7.569  1.00 12.14 ? 103 THR C C    1 
ATOM   287 O O    . THR C 1 6 ? 7.562   1.302   -7.251  1.00 12.34 ? 103 THR C O    1 
ATOM   288 C CB   . THR C 1 6 ? 4.319   0.680   -8.403  1.00 10.63 ? 103 THR C CB   1 
ATOM   289 O OG1  . THR C 1 6 ? 4.691   1.752   -9.269  1.00 14.21 ? 103 THR C OG1  1 
ATOM   290 C CG2  . THR C 1 6 ? 2.842   0.762   -8.105  1.00 11.51 ? 103 THR C CG2  1 
ATOM   291 O OXT  . THR C 1 6 ? 6.938   -0.437  -8.243  1.00 19.17 ? 103 THR C OXT  1 
ATOM   292 H H    . THR C 1 6 ? 5.565   2.802   -6.829  1.00 6.33  ? 103 THR C H    1 
ATOM   293 H HA   . THR C 1 6 ? 4.959   0.018   -6.525  1.00 8.63  ? 103 THR C HA   1 
ATOM   294 H HB   . THR C 1 6 ? 4.494   -0.170  -8.873  1.00 10.63 ? 103 THR C HB   1 
ATOM   295 H HG21 . THR C 1 6 ? 2.582   0.014   -7.537  1.00 11.51 ? 103 THR C HG21 1 
ATOM   296 H HG22 . THR C 1 6 ? 2.338   0.723   -8.937  1.00 11.51 ? 103 THR C HG22 1 
ATOM   297 H HG23 . THR C 1 6 ? 2.648   1.600   -7.647  1.00 11.51 ? 103 THR C HG23 1 
ATOM   298 N N    . ASN D 1 1 ? 6.975   -4.770  -5.263  1.00 6.43  ? 98  ASN D N    1 
ATOM   299 C CA   . ASN D 1 1 ? 6.428   -4.238  -4.006  1.00 5.51  ? 98  ASN D CA   1 
ATOM   300 C C    . ASN D 1 1 ? 5.462   -3.102  -4.359  1.00 4.95  ? 98  ASN D C    1 
ATOM   301 O O    . ASN D 1 1 ? 5.475   -2.611  -5.501  1.00 7.50  ? 98  ASN D O    1 
ATOM   302 C CB   . ASN D 1 1 ? 7.549   -3.830  -3.053  1.00 6.79  ? 98  ASN D CB   1 
ATOM   303 C CG   . ASN D 1 1 ? 8.413   -2.687  -3.523  1.00 9.04  ? 98  ASN D CG   1 
ATOM   304 O OD1  . ASN D 1 1 ? 9.627   -2.732  -3.358  1.00 16.88 ? 98  ASN D OD1  1 
ATOM   305 N ND2  . ASN D 1 1 ? 7.785   -1.610  -3.952  1.00 12.87 ? 98  ASN D ND2  1 
ATOM   306 H H1   . ASN D 1 1 ? 7.980   -4.666  -5.264  1.00 6.44  ? 98  ASN D H1   1 
ATOM   307 H H2   . ASN D 1 1 ? 6.603   -4.288  -6.004  1.00 6.44  ? 98  ASN D H2   1 
ATOM   308 H H3   . ASN D 1 1 ? 6.750   -5.701  -5.341  1.00 6.44  ? 98  ASN D H3   1 
ATOM   309 H HA   . ASN D 1 1 ? 5.955   -4.964  -3.538  1.00 5.51  ? 98  ASN D HA   1 
ATOM   310 H HB2  . ASN D 1 1 ? 7.156   -3.555  -2.199  1.00 6.79  ? 98  ASN D HB2  1 
ATOM   311 H HB3  . ASN D 1 1 ? 8.145   -4.596  -2.917  1.00 6.79  ? 98  ASN D HB3  1 
ATOM   312 N N    . PHE D 1 2 ? 4.617   -2.715  -3.398  1.00 3.66  ? 99  PHE D N    1 
ATOM   313 C CA   . PHE D 1 2 ? 3.738   -1.598  -3.624  1.00 3.72  ? 99  PHE D CA   1 
ATOM   314 C C    . PHE D 1 2 ? 3.216   -1.063  -2.297  1.00 3.21  ? 99  PHE D C    1 
ATOM   315 O O    . PHE D 1 2 ? 3.121   -1.774  -1.303  1.00 3.20  ? 99  PHE D O    1 
ATOM   316 C CB   . PHE D 1 2 ? 2.538   -1.964  -4.510  1.00 4.90  ? 99  PHE D CB   1 
ATOM   317 C CG   . PHE D 1 2 ? 1.682   -3.092  -3.987  1.00 5.62  ? 99  PHE D CG   1 
ATOM   318 C CD1  . PHE D 1 2 ? 0.605   -2.840  -3.149  1.00 7.72  ? 99  PHE D CD1  1 
ATOM   319 C CD2  . PHE D 1 2 ? 1.976   -4.411  -4.317  1.00 7.33  ? 99  PHE D CD2  1 
ATOM   320 C CE1  . PHE D 1 2 ? -0.180  -3.882  -2.686  1.00 9.55  ? 99  PHE D CE1  1 
ATOM   321 C CE2  . PHE D 1 2 ? 1.191   -5.446  -3.849  1.00 9.10  ? 99  PHE D CE2  1 
ATOM   322 C CZ   . PHE D 1 2 ? 0.128   -5.174  -3.030  1.00 10.10 ? 99  PHE D CZ   1 
ATOM   323 H H    . PHE D 1 2 ? 4.584   -3.196  -2.511  1.00 3.66  ? 99  PHE D H    1 
ATOM   324 H HA   . PHE D 1 2 ? 4.252   -0.875  -4.065  1.00 3.72  ? 99  PHE D HA   1 
ATOM   325 H HB2  . PHE D 1 2 ? 1.977   -1.168  -4.618  1.00 4.90  ? 99  PHE D HB2  1 
ATOM   326 H HB3  . PHE D 1 2 ? 2.872   -2.207  -5.398  1.00 4.90  ? 99  PHE D HB3  1 
ATOM   327 H HD1  . PHE D 1 2 ? 0.405   -1.951  -2.902  1.00 7.72  ? 99  PHE D HD1  1 
ATOM   328 H HD2  . PHE D 1 2 ? 2.720   -4.598  -4.866  1.00 7.33  ? 99  PHE D HD2  1 
ATOM   329 H HE1  . PHE D 1 2 ? -0.911  -3.702  -2.117  1.00 9.55  ? 99  PHE D HE1  1 
ATOM   330 H HE2  . PHE D 1 2 ? 1.390   -6.340  -4.078  1.00 9.10  ? 99  PHE D HE2  1 
ATOM   331 H HZ   . PHE D 1 2 ? -0.407  -5.886  -2.715  1.00 10.10 ? 99  PHE D HZ   1 
ATOM   332 N N    . VAL D 1 3 ? 2.867   0.229   -2.326  1.00 3.42  ? 100 VAL D N    1 
ATOM   333 C CA   . VAL D 1 3 ? 2.152   0.846   -1.218  1.00 3.36  ? 100 VAL D CA   1 
ATOM   334 C C    . VAL D 1 3 ? 1.108   1.775   -1.829  1.00 3.19  ? 100 VAL D C    1 
ATOM   335 O O    . VAL D 1 3 ? 1.429   2.653   -2.617  1.00 3.59  ? 100 VAL D O    1 
ATOM   336 C CB   . VAL D 1 3 ? 3.071   1.588   -0.230  1.00 3.92  ? 100 VAL D CB   1 
ATOM   337 C CG1  . VAL D 1 3 ? 3.962   2.635   -0.895  1.00 5.01  ? 100 VAL D CG1  1 
ATOM   338 C CG2  . VAL D 1 3 ? 2.241   2.189   0.895   1.00 4.83  ? 100 VAL D CG2  1 
ATOM   339 H H    . VAL D 1 3 ? 3.103   0.789   -3.133  1.00 3.42  ? 100 VAL D H    1 
ATOM   340 H HA   . VAL D 1 3 ? 1.705   0.145   -0.711  1.00 3.36  ? 100 VAL D HA   1 
ATOM   341 H HB   . VAL D 1 3 ? 3.687   0.919   0.157   1.00 3.92  ? 100 VAL D HB   1 
ATOM   342 H HG11 . VAL D 1 3 ? 4.533   2.203   -1.554  1.00 5.01  ? 100 VAL D HG11 1 
ATOM   343 H HG12 . VAL D 1 3 ? 4.515   3.066   -0.219  1.00 5.01  ? 100 VAL D HG12 1 
ATOM   344 H HG13 . VAL D 1 3 ? 3.407   3.303   -1.334  1.00 5.01  ? 100 VAL D HG13 1 
ATOM   345 H HG21 . VAL D 1 3 ? 1.596   2.815   0.524   1.00 4.83  ? 100 VAL D HG21 1 
ATOM   346 H HG22 . VAL D 1 3 ? 2.827   2.656   1.516   1.00 4.83  ? 100 VAL D HG22 1 
ATOM   347 H HG23 . VAL D 1 3 ? 1.771   1.479   1.366   1.00 4.83  ? 100 VAL D HG23 1 
ATOM   348 N N    . PHE D 1 4 ? -0.139  1.573   -1.406  1.00 3.07  ? 101 PHE D N    1 
ATOM   349 C CA   . PHE D 1 4 ? -1.254  2.366   -1.921  1.00 3.24  ? 101 PHE D CA   1 
ATOM   350 C C    . PHE D 1 4 ? -2.061  2.870   -0.735  1.00 3.91  ? 101 PHE D C    1 
ATOM   351 O O    . PHE D 1 4 ? -2.335  2.093   0.188   1.00 5.36  ? 101 PHE D O    1 
ATOM   352 C CB   . PHE D 1 4 ? -2.200  1.503   -2.763  1.00 4.05  ? 101 PHE D CB   1 
ATOM   353 C CG   . PHE D 1 4 ? -1.596  0.793   -3.948  1.00 4.32  ? 101 PHE D CG   1 
ATOM   354 C CD1  . PHE D 1 4 ? -0.584  1.361   -4.704  1.00 4.21  ? 101 PHE D CD1  1 
ATOM   355 C CD2  . PHE D 1 4 ? -2.091  -0.430  -4.364  1.00 5.42  ? 101 PHE D CD2  1 
ATOM   356 C CE1  . PHE D 1 4 ? -0.094  0.737   -5.843  1.00 5.11  ? 101 PHE D CE1  1 
ATOM   357 C CE2  . PHE D 1 4 ? -1.602  -1.049  -5.506  1.00 6.24  ? 101 PHE D CE2  1 
ATOM   358 C CZ   . PHE D 1 4 ? -0.615  -0.458  -6.250  1.00 5.64  ? 101 PHE D CZ   1 
ATOM   359 H H    . PHE D 1 4 ? -0.320  0.858   -0.716  1.00 3.07  ? 101 PHE D H    1 
ATOM   360 H HA   . PHE D 1 4 ? -0.887  3.143   -2.415  1.00 3.24  ? 101 PHE D HA   1 
ATOM   361 H HB2  . PHE D 1 4 ? -2.602  0.824   -2.180  1.00 4.05  ? 101 PHE D HB2  1 
ATOM   362 H HB3  . PHE D 1 4 ? -2.928  2.070   -3.092  1.00 4.05  ? 101 PHE D HB3  1 
ATOM   363 H HD1  . PHE D 1 4 ? -0.258  2.218   -4.477  1.00 4.21  ? 101 PHE D HD1  1 
ATOM   364 H HD2  . PHE D 1 4 ? -2.772  -0.846  -3.859  1.00 5.42  ? 101 PHE D HD2  1 
ATOM   365 H HE1  . PHE D 1 4 ? 0.596   1.145   -6.341  1.00 5.11  ? 101 PHE D HE1  1 
ATOM   366 H HE2  . PHE D 1 4 ? -1.967  -1.875  -5.780  1.00 6.24  ? 101 PHE D HE2  1 
ATOM   367 H HZ   . PHE D 1 4 ? -0.280  -0.879  -7.025  1.00 5.64  ? 101 PHE D HZ   1 
ATOM   368 N N    . GLY D 1 5 ? -2.505  4.125   -0.752  1.00 5.80  ? 102 GLY D N    1 
ATOM   369 C CA   . GLY D 1 5 ? -3.264  4.553   0.411   1.00 8.15  ? 102 GLY D CA   1 
ATOM   370 C C    . GLY D 1 5 ? -3.827  5.926   0.276   1.00 5.50  ? 102 GLY D C    1 
ATOM   371 O O    . GLY D 1 5 ? -3.373  6.721   -0.508  1.00 4.75  ? 102 GLY D O    1 
ATOM   372 H H    . GLY D 1 5 ? -2.348  4.780   -1.505  1.00 5.80  ? 102 GLY D H    1 
ATOM   373 H HA2  . GLY D 1 5 ? -4.010  3.920   0.561   1.00 8.15  ? 102 GLY D HA2  1 
ATOM   374 H HA3  . GLY D 1 5 ? -2.677  4.529   1.207   1.00 8.15  ? 102 GLY D HA3  1 
ATOM   375 N N    . THR D 1 6 ? -4.783  6.199   1.164   1.00 7.56  ? 103 THR D N    1 
ATOM   376 C CA   . THR D 1 6 ? -5.259  7.583   1.394   1.00 8.19  ? 103 THR D CA   1 
ATOM   377 C C    . THR D 1 6 ? -5.513  7.876   2.862   1.00 11.15 ? 103 THR D C    1 
ATOM   378 O O    . THR D 1 6 ? -5.693  6.926   3.610   1.00 15.73 ? 103 THR D O    1 
ATOM   379 C CB   . THR D 1 6 ? -6.579  7.920   0.685   1.00 9.36  ? 103 THR D CB   1 
ATOM   380 O OG1  . THR D 1 6 ? -7.656  7.169   1.244   1.00 11.12 ? 103 THR D OG1  1 
ATOM   381 C CG2  . THR D 1 6 ? -6.515  7.741   -0.812  1.00 9.36  ? 103 THR D CG2  1 
ATOM   382 O OXT  . THR D 1 6 ? -5.567  9.071   3.236   1.00 13.18 ? 103 THR D OXT  1 
ATOM   383 H H    . THR D 1 6 ? -5.192  5.442   1.695   1.00 7.56  ? 103 THR D H    1 
ATOM   384 H HA   . THR D 1 6 ? -4.555  8.202   1.093   1.00 8.19  ? 103 THR D HA   1 
ATOM   385 H HB   . THR D 1 6 ? -6.803  8.862   0.881   1.00 9.36  ? 103 THR D HB   1 
ATOM   386 H HG21 . THR D 1 6 ? -5.828  8.324   -1.181  1.00 9.36  ? 103 THR D HG21 1 
ATOM   387 H HG22 . THR D 1 6 ? -7.376  7.969   -1.204  1.00 9.36  ? 103 THR D HG22 1 
ATOM   388 H HG23 . THR D 1 6 ? -6.299  6.814   -1.020  1.00 9.36  ? 103 THR D HG23 1 
HETATM 389 O O    . HOH E 2 . ? 5.141   -6.746  -5.792  1.00 12.96 ? 201 HOH A O    1 
HETATM 390 O O    . HOH E 2 . ? 2.735   -8.681  -2.443  1.00 10.55 ? 202 HOH A O    1 
HETATM 391 O O    . HOH E 2 . ? -12.283 1.344   5.998   1.00 22.58 ? 203 HOH A O    1 
HETATM 392 O O    . HOH E 2 . ? -5.667  5.680   6.645   1.00 24.29 ? 204 HOH A O    1 
HETATM 393 O O    . HOH E 2 . ? 9.075   -10.980 1.341   1.00 17.94 ? 205 HOH A O    1 
HETATM 394 O O    . HOH F 2 . ? 0.469   -13.235 -0.230  1.00 18.24 ? 201 HOH B O    1 
HETATM 395 O O    . HOH F 2 . ? 6.897   -12.642 2.116   1.00 22.03 ? 202 HOH B O    1 
HETATM 396 O O    . HOH F 2 . ? -6.709  -1.451  3.883   1.00 14.43 ? 203 HOH B O    1 
HETATM 397 O O    . HOH F 2 . ? -5.138  -0.720  10.865  1.00 23.24 ? 204 HOH B O    1 
HETATM 398 O O    . HOH F 2 . ? 4.303   -14.764 4.072   1.00 20.41 ? 205 HOH B O    1 
HETATM 399 O O    . HOH F 2 . ? 1.033   -9.342  -4.362  1.00 25.38 ? 206 HOH B O    1 
HETATM 400 O O    . HOH G 2 . ? -5.867  14.467  -1.780  1.00 21.66 ? 201 HOH C O    1 
HETATM 401 O O    . HOH G 2 . ? 3.607   -2.330  -10.267 1.00 14.36 ? 202 HOH C O    1 
HETATM 402 O O    . HOH H 2 . ? -3.630  10.099  4.719   1.00 28.23 ? 201 HOH D O    1 
HETATM 403 O O    . HOH H 2 . ? -8.200  4.603   1.809   1.00 25.01 ? 202 HOH D O    1 
HETATM 404 O O    . HOH H 2 . ? -6.638  11.568  2.486   1.00 12.40 ? 203 HOH D O    1 
HETATM 405 O O    . HOH H 2 . ? -10.201 8.110   0.466   1.00 34.40 ? 204 HOH D O    1 
HETATM 406 O O    . HOH H 2 . ? -3.888  7.636   7.657   1.00 35.60 ? 205 HOH D O    1 
# 
loop_
_atom_site_anisotrop.id 
_atom_site_anisotrop.type_symbol 
_atom_site_anisotrop.pdbx_label_atom_id 
_atom_site_anisotrop.pdbx_label_alt_id 
_atom_site_anisotrop.pdbx_label_comp_id 
_atom_site_anisotrop.pdbx_label_asym_id 
_atom_site_anisotrop.pdbx_label_seq_id 
_atom_site_anisotrop.pdbx_PDB_ins_code 
_atom_site_anisotrop.U[1][1] 
_atom_site_anisotrop.U[2][2] 
_atom_site_anisotrop.U[3][3] 
_atom_site_anisotrop.U[1][2] 
_atom_site_anisotrop.U[1][3] 
_atom_site_anisotrop.U[2][3] 
_atom_site_anisotrop.pdbx_auth_seq_id 
_atom_site_anisotrop.pdbx_auth_comp_id 
_atom_site_anisotrop.pdbx_auth_asym_id 
_atom_site_anisotrop.pdbx_auth_atom_id 
1   N N    . ASN A 1 ? 0.1726 0.1745 0.2607 0.1256  0.1897  0.0904  98  ASN A N    
2   C CA   . ASN A 1 ? 0.0999 0.1256 0.1454 0.0615  0.1064  0.0370  98  ASN A CA   
3   C C    . ASN A 1 ? 0.0843 0.0992 0.1260 0.0465  0.0945  0.0479  98  ASN A C    
4   O O    . ASN A 1 ? 0.1015 0.1411 0.1400 0.0756  0.1099  0.0733  98  ASN A O    
5   C CB   . ASN A 1 ? 0.0873 0.1730 0.1990 0.0453  0.0783  0.0219  98  ASN A CB   
6   C CG   . ASN A 1 ? 0.1288 0.1625 0.1753 0.0523  0.0686  0.0204  98  ASN A CG   
7   O OD1  . ASN A 1 ? 0.1546 0.2317 0.1867 0.0685  0.0740  0.0779  98  ASN A OD1  
8   N ND2  . ASN A 1 ? 0.1332 0.3066 0.1715 0.0498  0.0446  0.0196  98  ASN A ND2  
9   H H1   . ASN A 1 ? 0.2026 0.2026 0.2026 0.0000  0.0000  0.0000  98  ASN A H1   
10  H H2   . ASN A 1 ? 0.2026 0.2026 0.2026 0.0000  0.0000  0.0000  98  ASN A H2   
11  H H3   . ASN A 1 ? 0.2026 0.2026 0.2026 0.0000  0.0000  0.0000  98  ASN A H3   
12  H HA   . ASN A 1 ? 0.1236 0.1236 0.1236 0.0000  0.0000  0.0000  98  ASN A HA   
13  H HB2  . ASN A 1 ? 0.1530 0.1530 0.1530 0.0000  0.0000  0.0000  98  ASN A HB2  
14  H HB3  . ASN A 1 ? 0.1530 0.1530 0.1530 0.0000  0.0000  0.0000  98  ASN A HB3  
15  N N    . PHE A 2 ? 0.0915 0.0919 0.0869 0.0455  0.0807  0.0277  99  PHE A N    
16  C CA   . PHE A 2 ? 0.0675 0.0872 0.0749 0.0365  0.0603  0.0191  99  PHE A CA   
17  C C    . PHE A 2 ? 0.0449 0.0842 0.0728 0.0324  0.0487  0.0254  99  PHE A C    
18  O O    . PHE A 2 ? 0.0713 0.0797 0.0721 0.0336  0.0593  0.0222  99  PHE A O    
19  C CB   . PHE A 2 ? 0.0835 0.1032 0.0950 0.0197  0.0546  0.0013  99  PHE A CB   
20  C CG   . PHE A 2 ? 0.1148 0.1085 0.1130 0.0120  0.0282  -0.0208 99  PHE A CG   
21  C CD1  . PHE A 2 ? 0.1834 0.1678 0.2391 0.0240  0.0572  -0.0978 99  PHE A CD1  
22  C CD2  . PHE A 2 ? 0.1504 0.1679 0.1192 -0.0332 0.0169  0.0108  99  PHE A CD2  
23  C CE1  . PHE A 2 ? 0.2260 0.1619 0.3289 0.0353  0.0259  -0.1034 99  PHE A CE1  
24  C CE2  . PHE A 2 ? 0.1859 0.1917 0.2050 -0.0829 -0.0402 0.0272  99  PHE A CE2  
25  C CZ   . PHE A 2 ? 0.1912 0.2245 0.3721 0.0113  -0.0396 0.0049  99  PHE A CZ   
26  H H    . PHE A 2 ? 0.0900 0.0900 0.0900 0.0000  0.0000  0.0000  99  PHE A H    
27  H HA   . PHE A 2 ? 0.0766 0.0766 0.0766 0.0000  0.0000  0.0000  99  PHE A HA   
28  H HB2  . PHE A 2 ? 0.0939 0.0939 0.0939 0.0000  0.0000  0.0000  99  PHE A HB2  
29  H HB3  . PHE A 2 ? 0.0939 0.0939 0.0939 0.0000  0.0000  0.0000  99  PHE A HB3  
30  H HD1  . PHE A 2 ? 0.1967 0.1967 0.1967 0.0000  0.0000  0.0000  99  PHE A HD1  
31  H HD2  . PHE A 2 ? 0.1458 0.1458 0.1458 0.0000  0.0000  0.0000  99  PHE A HD2  
32  H HE1  . PHE A 2 ? 0.2389 0.2389 0.2389 0.0000  0.0000  0.0000  99  PHE A HE1  
33  H HE2  . PHE A 2 ? 0.1941 0.1941 0.1941 0.0000  0.0000  0.0000  99  PHE A HE2  
34  H HZ   . PHE A 2 ? 0.2625 0.2625 0.2625 0.0000  0.0000  0.0000  99  PHE A HZ   
35  N N    . VAL A 3 ? 0.0302 0.0752 0.0642 0.0247  0.0356  0.0231  100 VAL A N    
36  C CA   A VAL A 3 ? 0.0300 0.0721 0.0450 0.0159  0.0302  0.0158  100 VAL A CA   
37  C CA   B VAL A 3 ? 0.0268 0.0700 0.0351 0.0119  0.0243  0.0167  100 VAL A CA   
38  C C    . VAL A 3 ? 0.0247 0.0623 0.0292 0.0116  0.0200  0.0053  100 VAL A C    
39  O O    . VAL A 3 ? 0.0304 0.0690 0.0596 0.0203  0.0345  0.0213  100 VAL A O    
40  C CB   A VAL A 3 ? 0.0562 0.0791 0.0681 0.0016  0.0183  0.0075  100 VAL A CB   
41  C CB   B VAL A 3 ? 0.0430 0.1088 0.0429 -0.0092 0.0097  0.0204  100 VAL A CB   
42  C CG1  A VAL A 3 ? 0.0518 0.0827 0.0756 0.0079  0.0095  -0.0047 100 VAL A CG1  
43  C CG1  B VAL A 3 ? 0.0443 0.1269 0.0729 -0.0185 0.0097  0.0199  100 VAL A CG1  
44  C CG2  A VAL A 3 ? 0.0558 0.0862 0.0916 0.0097  0.0118  0.0258  100 VAL A CG2  
45  C CG2  B VAL A 3 ? 0.0466 0.1172 0.0446 -0.0147 -0.0042 0.0259  100 VAL A CG2  
46  H H    . VAL A 3 ? 0.0565 0.0565 0.0565 0.0000  0.0000  0.0000  100 VAL A H    
47  H HA   A VAL A 3 ? 0.0490 0.0490 0.0490 0.0000  0.0000  0.0000  100 VAL A HA   
48  H HA   B VAL A 3 ? 0.0440 0.0440 0.0440 0.0000  0.0000  0.0000  100 VAL A HA   
49  H HB   A VAL A 3 ? 0.0678 0.0678 0.0678 0.0000  0.0000  0.0000  100 VAL A HB   
50  H HB   B VAL A 3 ? 0.0648 0.0648 0.0648 0.0000  0.0000  0.0000  100 VAL A HB   
51  H HG11 A VAL A 3 ? 0.0701 0.0701 0.0701 0.0000  0.0000  0.0000  100 VAL A HG11 
52  H HG11 B VAL A 3 ? 0.0813 0.0813 0.0813 0.0000  0.0000  0.0000  100 VAL A HG11 
53  H HG12 A VAL A 3 ? 0.0701 0.0701 0.0701 0.0000  0.0000  0.0000  100 VAL A HG12 
54  H HG12 B VAL A 3 ? 0.0813 0.0813 0.0813 0.0000  0.0000  0.0000  100 VAL A HG12 
55  H HG13 A VAL A 3 ? 0.0701 0.0701 0.0701 0.0000  0.0000  0.0000  100 VAL A HG13 
56  H HG13 B VAL A 3 ? 0.0813 0.0813 0.0813 0.0000  0.0000  0.0000  100 VAL A HG13 
57  H HG21 A VAL A 3 ? 0.0779 0.0779 0.0779 0.0000  0.0000  0.0000  100 VAL A HG21 
58  H HG21 B VAL A 3 ? 0.0694 0.0694 0.0694 0.0000  0.0000  0.0000  100 VAL A HG21 
59  H HG22 A VAL A 3 ? 0.0779 0.0779 0.0779 0.0000  0.0000  0.0000  100 VAL A HG22 
60  H HG22 B VAL A 3 ? 0.0694 0.0694 0.0694 0.0000  0.0000  0.0000  100 VAL A HG22 
61  H HG23 A VAL A 3 ? 0.0779 0.0779 0.0779 0.0000  0.0000  0.0000  100 VAL A HG23 
62  H HG23 B VAL A 3 ? 0.0694 0.0694 0.0694 0.0000  0.0000  0.0000  100 VAL A HG23 
63  N N    . PHE A 4 ? 0.0209 0.0550 0.0411 0.0098  0.0214  0.0030  101 PHE A N    
64  C CA   . PHE A 4 ? 0.0210 0.0536 0.0416 0.0084  0.0223  0.0056  101 PHE A CA   
65  C C    . PHE A 4 ? 0.0236 0.0581 0.0312 0.0112  0.0202  0.0052  101 PHE A C    
66  O O    . PHE A 4 ? 0.0518 0.0567 0.0570 0.0047  0.0447  0.0004  101 PHE A O    
67  C CB   . PHE A 4 ? 0.0213 0.0624 0.0470 0.0153  0.0202  0.0001  101 PHE A CB   
68  C CG   . PHE A 4 ? 0.0209 0.0696 0.0365 0.0133  0.0136  -0.0036 101 PHE A CG   
69  C CD1  . PHE A 4 ? 0.0296 0.0760 0.0484 0.0052  0.0235  -0.0020 101 PHE A CD1  
70  C CD2  . PHE A 4 ? 0.0217 0.0810 0.0498 0.0047  0.0180  -0.0116 101 PHE A CD2  
71  C CE1  . PHE A 4 ? 0.0496 0.0817 0.0564 0.0088  0.0358  -0.0052 101 PHE A CE1  
72  C CE2  . PHE A 4 ? 0.0516 0.0771 0.0577 -0.0001 0.0219  -0.0143 101 PHE A CE2  
73  C CZ   . PHE A 4 ? 0.0600 0.0816 0.0591 0.0042  0.0275  -0.0210 101 PHE A CZ   
74  H H    . PHE A 4 ? 0.0389 0.0389 0.0389 0.0000  0.0000  0.0000  101 PHE A H    
75  H HA   . PHE A 4 ? 0.0387 0.0387 0.0387 0.0000  0.0000  0.0000  101 PHE A HA   
76  H HB2  . PHE A 4 ? 0.0435 0.0435 0.0435 0.0000  0.0000  0.0000  101 PHE A HB2  
77  H HB3  . PHE A 4 ? 0.0435 0.0435 0.0435 0.0000  0.0000  0.0000  101 PHE A HB3  
78  H HD1  . PHE A 4 ? 0.0513 0.0513 0.0513 0.0000  0.0000  0.0000  101 PHE A HD1  
79  H HD2  . PHE A 4 ? 0.0509 0.0509 0.0509 0.0000  0.0000  0.0000  101 PHE A HD2  
80  H HE1  . PHE A 4 ? 0.0626 0.0626 0.0626 0.0000  0.0000  0.0000  101 PHE A HE1  
81  H HE2  . PHE A 4 ? 0.0621 0.0621 0.0621 0.0000  0.0000  0.0000  101 PHE A HE2  
82  H HZ   . PHE A 4 ? 0.0668 0.0668 0.0668 0.0000  0.0000  0.0000  101 PHE A HZ   
83  N N    . GLY A 5 ? 0.0247 0.0590 0.0351 0.0107  0.0217  0.0010  102 GLY A N    
84  C CA   . GLY A 5 ? 0.0302 0.0645 0.0392 0.0084  0.0245  -0.0086 102 GLY A CA   
85  C C    . GLY A 5 ? 0.0300 0.0614 0.0303 0.0111  0.0221  -0.0022 102 GLY A C    
86  O O    . GLY A 5 ? 0.0342 0.0609 0.0422 0.0140  0.0300  0.0016  102 GLY A O    
87  H H    . GLY A 5 ? 0.0396 0.0396 0.0396 0.0000  0.0000  0.0000  102 GLY A H    
88  H HA2  . GLY A 5 ? 0.0446 0.0446 0.0446 0.0000  0.0000  0.0000  102 GLY A HA2  
89  H HA3  . GLY A 5 ? 0.0446 0.0446 0.0446 0.0000  0.0000  0.0000  102 GLY A HA3  
90  N N    . THR A 6 ? 0.0337 0.0588 0.0522 0.0114  0.0288  -0.0049 103 THR A N    
91  C CA   . THR A 6 ? 0.0381 0.0748 0.0629 0.0217  0.0291  -0.0082 103 THR A CA   
92  C C    . THR A 6 ? 0.0676 0.0791 0.0648 0.0168  0.0460  -0.0063 103 THR A C    
93  O O    . THR A 6 ? 0.0879 0.1026 0.0620 0.0131  0.0337  -0.0117 103 THR A O    
94  C CB   . THR A 6 ? 0.0433 0.0818 0.0738 0.0245  0.0324  0.0022  103 THR A CB   
95  O OG1  . THR A 6 ? 0.0632 0.0768 0.0723 0.0180  0.0416  0.0008  103 THR A OG1  
96  C CG2  . THR A 6 ? 0.0590 0.0980 0.0745 0.0240  0.0220  0.0157  103 THR A CG2  
97  O OXT  . THR A 6 ? 0.0791 0.0904 0.0973 0.0092  0.0651  -0.0128 103 THR A OXT  
98  H H    . THR A 6 ? 0.0482 0.0482 0.0482 0.0000  0.0000  0.0000  103 THR A H    
99  H HA   . THR A 6 ? 0.0586 0.0586 0.0586 0.0000  0.0000  0.0000  103 THR A HA   
100 H HB   . THR A 6 ? 0.0663 0.0663 0.0663 0.0000  0.0000  0.0000  103 THR A HB   
101 H HG21 . THR A 6 ? 0.0771 0.0771 0.0771 0.0000  0.0000  0.0000  103 THR A HG21 
102 H HG22 . THR A 6 ? 0.0771 0.0771 0.0771 0.0000  0.0000  0.0000  103 THR A HG22 
103 H HG23 . THR A 6 ? 0.0771 0.0771 0.0771 0.0000  0.0000  0.0000  103 THR A HG23 
104 N N    . ASN B 1 ? 0.0928 0.1299 0.1244 0.0444  0.0887  -0.0034 98  ASN B N    
105 C CA   . ASN B 1 ? 0.0927 0.1005 0.1259 0.0218  0.0829  -0.0074 98  ASN B CA   
106 C C    . ASN B 1 ? 0.0857 0.0827 0.1120 0.0255  0.0724  0.0006  98  ASN B C    
107 O O    . ASN B 1 ? 0.1172 0.0901 0.1464 0.0245  0.0954  0.0110  98  ASN B O    
108 C CB   . ASN B 1 ? 0.1136 0.2400 0.0936 0.0405  0.0690  -0.0074 98  ASN B CB   
109 C CG   . ASN B 1 ? 0.2080 0.2417 0.1245 0.0676  0.0360  -0.0175 98  ASN B CG   
110 O OD1  . ASN B 1 ? 0.3002 0.3600 0.2558 0.0127  0.0073  0.1075  98  ASN B OD1  
111 N ND2  . ASN B 1 ? 0.2339 0.3698 0.2438 0.0878  0.1115  -0.0558 98  ASN B ND2  
112 H H1   . ASN B 1 ? 0.1156 0.1156 0.1156 0.0000  0.0000  0.0000  98  ASN B H1   
113 H H2   . ASN B 1 ? 0.1156 0.1156 0.1156 0.0000  0.0000  0.0000  98  ASN B H2   
114 H H3   . ASN B 1 ? 0.1156 0.1156 0.1156 0.0000  0.0000  0.0000  98  ASN B H3   
115 H HA   . ASN B 1 ? 0.1063 0.1063 0.1063 0.0000  0.0000  0.0000  98  ASN B HA   
116 H HB2  . ASN B 1 ? 0.1490 0.1490 0.1490 0.0000  0.0000  0.0000  98  ASN B HB2  
117 H HB3  . ASN B 1 ? 0.1490 0.1490 0.1490 0.0000  0.0000  0.0000  98  ASN B HB3  
118 N N    . PHE B 2 ? 0.0470 0.0807 0.0926 0.0235  0.0527  0.0084  99  PHE B N    
119 C CA   . PHE B 2 ? 0.0337 0.0625 0.0766 0.0105  0.0381  0.0061  99  PHE B CA   
120 C C    . PHE B 2 ? 0.0384 0.0607 0.0693 0.0100  0.0447  0.0090  99  PHE B C    
121 O O    . PHE B 2 ? 0.0429 0.0617 0.1339 0.0130  0.0681  0.0211  99  PHE B O    
122 C CB   . PHE B 2 ? 0.0337 0.0873 0.1040 0.0050  0.0154  -0.0004 99  PHE B CB   
123 C CG   . PHE B 2 ? 0.0458 0.1071 0.0784 -0.0114 -0.0026 0.0130  99  PHE B CG   
124 C CD1  . PHE B 2 ? 0.0692 0.1321 0.0695 0.0061  0.0048  0.0037  99  PHE B CD1  
125 C CD2  . PHE B 2 ? 0.0962 0.1081 0.1119 -0.0402 -0.0227 0.0246  99  PHE B CD2  
126 C CE1  . PHE B 2 ? 0.0835 0.2040 0.0601 0.0006  0.0085  -0.0153 99  PHE B CE1  
127 C CE2  . PHE B 2 ? 0.1265 0.1624 0.0946 -0.0805 -0.0307 0.0299  99  PHE B CE2  
128 C CZ   . PHE B 2 ? 0.1052 0.2344 0.0636 -0.0572 0.0001  0.0238  99  PHE B CZ   
129 H H    . PHE B 2 ? 0.0734 0.0734 0.0734 0.0000  0.0000  0.0000  99  PHE B H    
130 H HA   . PHE B 2 ? 0.0576 0.0576 0.0576 0.0000  0.0000  0.0000  99  PHE B HA   
131 H HB2  . PHE B 2 ? 0.0750 0.0750 0.0750 0.0000  0.0000  0.0000  99  PHE B HB2  
132 H HB3  . PHE B 2 ? 0.0750 0.0750 0.0750 0.0000  0.0000  0.0000  99  PHE B HB3  
133 H HD1  . PHE B 2 ? 0.0903 0.0903 0.0903 0.0000  0.0000  0.0000  99  PHE B HD1  
134 H HD2  . PHE B 2 ? 0.1053 0.1053 0.1053 0.0000  0.0000  0.0000  99  PHE B HD2  
135 H HE1  . PHE B 2 ? 0.1158 0.1158 0.1158 0.0000  0.0000  0.0000  99  PHE B HE1  
136 H HE2  . PHE B 2 ? 0.1278 0.1278 0.1278 0.0000  0.0000  0.0000  99  PHE B HE2  
137 H HZ   . PHE B 2 ? 0.1344 0.1344 0.1344 0.0000  0.0000  0.0000  99  PHE B HZ   
138 N N    . VAL B 3 ? 0.0315 0.0573 0.0510 0.0068  0.0320  -0.0037 100 VAL B N    
139 C CA   . VAL B 3 ? 0.0263 0.0581 0.0530 0.0039  0.0302  -0.0021 100 VAL B CA   
140 C C    . VAL B 3 ? 0.0237 0.0586 0.0507 0.0052  0.0272  -0.0007 100 VAL B C    
141 O O    . VAL B 3 ? 0.0370 0.0535 0.0562 0.0057  0.0353  -0.0035 100 VAL B O    
142 C CB   . VAL B 3 ? 0.0414 0.0809 0.0586 0.0029  0.0209  -0.0016 100 VAL B CB   
143 C CG1  . VAL B 3 ? 0.0563 0.0889 0.0747 0.0143  -0.0104 -0.0143 100 VAL B CG1  
144 C CG2  . VAL B 3 ? 0.0664 0.0854 0.0555 0.0026  0.0203  -0.0073 100 VAL B CG2  
145 H H    . VAL B 3 ? 0.0465 0.0465 0.0465 0.0000  0.0000  0.0000  100 VAL B H    
146 H HA   . VAL B 3 ? 0.0458 0.0458 0.0458 0.0000  0.0000  0.0000  100 VAL B HA   
147 H HB   . VAL B 3 ? 0.0603 0.0603 0.0603 0.0000  0.0000  0.0000  100 VAL B HB   
148 H HG11 . VAL B 3 ? 0.0733 0.0733 0.0733 0.0000  0.0000  0.0000  100 VAL B HG11 
149 H HG12 . VAL B 3 ? 0.0733 0.0733 0.0733 0.0000  0.0000  0.0000  100 VAL B HG12 
150 H HG13 . VAL B 3 ? 0.0733 0.0733 0.0733 0.0000  0.0000  0.0000  100 VAL B HG13 
151 H HG21 . VAL B 3 ? 0.0691 0.0691 0.0691 0.0000  0.0000  0.0000  100 VAL B HG21 
152 H HG22 . VAL B 3 ? 0.0691 0.0691 0.0691 0.0000  0.0000  0.0000  100 VAL B HG22 
153 H HG23 . VAL B 3 ? 0.0691 0.0691 0.0691 0.0000  0.0000  0.0000  100 VAL B HG23 
154 N N    . PHE B 4 ? 0.0307 0.0582 0.0532 0.0063  0.0328  -0.0028 101 PHE B N    
155 C CA   . PHE B 4 ? 0.0250 0.0578 0.0454 0.0133  0.0242  -0.0006 101 PHE B CA   
156 C C    . PHE B 4 ? 0.0220 0.0533 0.0321 0.0072  0.0184  -0.0052 101 PHE B C    
157 O O    . PHE B 4 ? 0.0373 0.0563 0.0600 0.0148  0.0295  0.0104  101 PHE B O    
158 C CB   . PHE B 4 ? 0.0287 0.0883 0.0569 0.0066  0.0148  0.0083  101 PHE B CB   
159 C CG   . PHE B 4 ? 0.0339 0.1320 0.0439 -0.0037 0.0128  0.0068  101 PHE B CG   
160 C CD1  . PHE B 4 ? 0.1072 0.2081 0.0481 -0.0776 0.0265  -0.0050 101 PHE B CD1  
161 C CD2  . PHE B 4 ? 0.0692 0.1252 0.0792 -0.0035 0.0143  0.0009  101 PHE B CD2  
162 C CE1  . PHE B 4 ? 0.1543 0.2849 0.0571 -0.0915 0.0345  -0.0346 101 PHE B CE1  
163 C CE2  . PHE B 4 ? 0.1079 0.1897 0.0848 -0.0347 0.0103  -0.0386 101 PHE B CE2  
164 C CZ   . PHE B 4 ? 0.1728 0.2880 0.0811 -0.0839 0.0550  -0.0648 101 PHE B CZ   
165 H H    . PHE B 4 ? 0.0473 0.0473 0.0473 0.0000  0.0000  0.0000  101 PHE B H    
166 H HA   . PHE B 4 ? 0.0427 0.0427 0.0427 0.0000  0.0000  0.0000  101 PHE B HA   
167 H HB2  . PHE B 4 ? 0.0579 0.0579 0.0579 0.0000  0.0000  0.0000  101 PHE B HB2  
168 H HB3  . PHE B 4 ? 0.0579 0.0579 0.0579 0.0000  0.0000  0.0000  101 PHE B HB3  
169 H HD1  . PHE B 4 ? 0.1211 0.1211 0.1211 0.0000  0.0000  0.0000  101 PHE B HD1  
170 H HD2  . PHE B 4 ? 0.0912 0.0912 0.0912 0.0000  0.0000  0.0000  101 PHE B HD2  
171 H HE1  . PHE B 4 ? 0.1654 0.1654 0.1654 0.0000  0.0000  0.0000  101 PHE B HE1  
172 H HE2  . PHE B 4 ? 0.1274 0.1274 0.1274 0.0000  0.0000  0.0000  101 PHE B HE2  
173 H HZ   . PHE B 4 ? 0.1806 0.1806 0.1806 0.0000  0.0000  0.0000  101 PHE B HZ   
174 N N    . GLY B 5 ? 0.0269 0.0574 0.0424 0.0060  0.0261  -0.0041 102 GLY B N    
175 C CA   . GLY B 5 ? 0.0348 0.0609 0.0553 0.0124  0.0264  -0.0092 102 GLY B CA   
176 C C    . GLY B 5 ? 0.0375 0.0613 0.0547 0.0132  0.0356  -0.0027 102 GLY B C    
177 O O    . GLY B 5 ? 0.0602 0.0557 0.0744 0.0102  0.0484  -0.0003 102 GLY B O    
178 H H    . GLY B 5 ? 0.0422 0.0422 0.0422 0.0000  0.0000  0.0000  102 GLY B H    
179 H HA2  . GLY B 5 ? 0.0503 0.0503 0.0503 0.0000  0.0000  0.0000  102 GLY B HA2  
180 H HA3  . GLY B 5 ? 0.0503 0.0503 0.0503 0.0000  0.0000  0.0000  102 GLY B HA3  
181 N N    . THR B 6 ? 0.0470 0.0606 0.0473 0.0171  0.0374  0.0010  103 THR B N    
182 C CA   . THR B 6 ? 0.0704 0.0814 0.0487 0.0159  0.0381  -0.0076 103 THR B CA   
183 C C    . THR B 6 ? 0.0716 0.1030 0.0752 0.0246  0.0455  -0.0066 103 THR B C    
184 O O    . THR B 6 ? 0.0522 0.1493 0.0946 0.0206  0.0367  -0.0059 103 THR B O    
185 C CB   . THR B 6 ? 0.1178 0.0909 0.0671 -0.0012 0.0333  -0.0270 103 THR B CB   
186 O OG1  . THR B 6 ? 0.1770 0.0909 0.0874 0.0108  0.0645  0.0110  103 THR B OG1  
187 C CG2  . THR B 6 ? 0.1187 0.1347 0.1305 -0.0523 0.0232  -0.0341 103 THR B CG2  
188 O OXT  . THR B 6 ? 0.0929 0.2096 0.0924 0.0421  0.0633  -0.0253 103 THR B OXT  
189 H H    . THR B 6 ? 0.0516 0.0516 0.0516 0.0000  0.0000  0.0000  103 THR B H    
190 H HA   . THR B 6 ? 0.0668 0.0668 0.0668 0.0000  0.0000  0.0000  103 THR B HA   
191 H HB   . THR B 6 ? 0.0919 0.0919 0.0919 0.0000  0.0000  0.0000  103 THR B HB   
192 H HG21 . THR B 6 ? 0.1280 0.1280 0.1280 0.0000  0.0000  0.0000  103 THR B HG21 
193 H HG22 . THR B 6 ? 0.1280 0.1280 0.1280 0.0000  0.0000  0.0000  103 THR B HG22 
194 H HG23 . THR B 6 ? 0.1280 0.1280 0.1280 0.0000  0.0000  0.0000  103 THR B HG23 
195 N N    . ASN C 1 ? 0.0953 0.0902 0.1462 0.0189  0.0805  -0.0466 98  ASN C N    
196 C CA   . ASN C 1 ? 0.0824 0.0896 0.1188 0.0054  0.0845  -0.0283 98  ASN C CA   
197 C C    . ASN C 1 ? 0.0649 0.0676 0.1191 0.0127  0.0695  -0.0127 98  ASN C C    
198 O O    . ASN C 1 ? 0.0849 0.0744 0.1686 -0.0023 0.0934  -0.0330 98  ASN C O    
199 C CB   . ASN C 1 ? 0.1999 0.1239 0.1447 -0.0076 0.0178  -0.0394 98  ASN C CB   
200 C CG   . ASN C 1 ? 0.2144 0.2948 0.2399 0.0097  0.0051  0.0661  98  ASN C CG   
201 O OD1  . ASN C 1 ? 0.3075 0.4904 0.3400 -0.0133 -0.0067 0.2276  98  ASN C OD1  
202 N ND2  . ASN C 1 ? 0.2022 0.4595 0.3913 -0.0512 0.0476  0.1053  98  ASN C ND2  
203 H H1   . ASN C 1 ? 0.1106 0.1106 0.1106 0.0000  0.0000  0.0000  98  ASN C H1   
204 H H2   . ASN C 1 ? 0.1106 0.1106 0.1106 0.0000  0.0000  0.0000  98  ASN C H2   
205 H H3   . ASN C 1 ? 0.1106 0.1106 0.1106 0.0000  0.0000  0.0000  98  ASN C H3   
206 H HA   . ASN C 1 ? 0.0969 0.0969 0.0969 0.0000  0.0000  0.0000  98  ASN C HA   
207 H HB2  . ASN C 1 ? 0.1561 0.1561 0.1561 0.0000  0.0000  0.0000  98  ASN C HB2  
208 H HB3  . ASN C 1 ? 0.1561 0.1561 0.1561 0.0000  0.0000  0.0000  98  ASN C HB3  
209 N N    . PHE C 2 ? 0.0469 0.0510 0.0791 0.0093  0.0434  -0.0115 99  PHE C N    
210 C CA   . PHE C 2 ? 0.0369 0.0531 0.0868 0.0066  0.0390  -0.0149 99  PHE C CA   
211 C C    . PHE C 2 ? 0.0382 0.0537 0.0528 0.0067  0.0361  -0.0088 99  PHE C C    
212 O O    . PHE C 2 ? 0.0327 0.0492 0.0698 0.0079  0.0281  -0.0091 99  PHE C O    
213 C CB   . PHE C 2 ? 0.0353 0.0852 0.0986 0.0057  0.0259  -0.0194 99  PHE C CB   
214 C CG   . PHE C 2 ? 0.0387 0.1094 0.0763 0.0047  0.0067  -0.0143 99  PHE C CG   
215 C CD1  . PHE C 2 ? 0.0566 0.0935 0.0744 0.0072  0.0069  -0.0214 99  PHE C CD1  
216 C CD2  . PHE C 2 ? 0.0420 0.1215 0.0859 0.0176  -0.0022 -0.0151 99  PHE C CD2  
217 C CE1  . PHE C 2 ? 0.0788 0.1318 0.0636 0.0038  0.0089  -0.0189 99  PHE C CE1  
218 C CE2  . PHE C 2 ? 0.0793 0.1126 0.0929 0.0042  -0.0200 0.0093  99  PHE C CE2  
219 C CZ   . PHE C 2 ? 0.0751 0.1385 0.0653 -0.0163 -0.0064 0.0018  99  PHE C CZ   
220 H H    . PHE C 2 ? 0.0589 0.0589 0.0589 0.0000  0.0000  0.0000  99  PHE C H    
221 H HA   . PHE C 2 ? 0.0589 0.0589 0.0589 0.0000  0.0000  0.0000  99  PHE C HA   
222 H HB2  . PHE C 2 ? 0.0730 0.0730 0.0730 0.0000  0.0000  0.0000  99  PHE C HB2  
223 H HB3  . PHE C 2 ? 0.0730 0.0730 0.0730 0.0000  0.0000  0.0000  99  PHE C HB3  
224 H HD1  . PHE C 2 ? 0.0748 0.0748 0.0748 0.0000  0.0000  0.0000  99  PHE C HD1  
225 H HD2  . PHE C 2 ? 0.0831 0.0831 0.0831 0.0000  0.0000  0.0000  99  PHE C HD2  
226 H HE1  . PHE C 2 ? 0.0914 0.0914 0.0914 0.0000  0.0000  0.0000  99  PHE C HE1  
227 H HE2  . PHE C 2 ? 0.0950 0.0950 0.0950 0.0000  0.0000  0.0000  99  PHE C HE2  
228 H HZ   . PHE C 2 ? 0.0929 0.0929 0.0929 0.0000  0.0000  0.0000  99  PHE C HZ   
229 N N    . VAL C 3 ? 0.0373 0.0566 0.0460 0.0126  0.0326  -0.0022 100 VAL C N    
230 C CA   A VAL C 3 ? 0.0358 0.0596 0.0390 0.0157  0.0249  0.0000  100 VAL C CA   
231 C CA   B VAL C 3 ? 0.0396 0.0563 0.0523 0.0209  0.0142  -0.0036 100 VAL C CA   
232 C C    . VAL C 3 ? 0.0260 0.0512 0.0453 0.0139  0.0250  0.0019  100 VAL C C    
233 O O    . VAL C 3 ? 0.0302 0.0524 0.0514 0.0109  0.0306  -0.0017 100 VAL C O    
234 C CB   A VAL C 3 ? 0.1107 0.1183 0.0581 0.0278  -0.0165 -0.0043 100 VAL C CB   
235 C CB   B VAL C 3 ? 0.0964 0.0997 0.0631 0.0294  -0.0148 -0.0042 100 VAL C CB   
236 C CG1  A VAL C 3 ? 0.0582 0.0854 0.0706 0.0025  0.0022  0.0035  100 VAL C CG1  
237 C CG1  B VAL C 3 ? 0.0709 0.1185 0.0693 0.0296  -0.0098 0.0057  100 VAL C CG1  
238 C CG2  A VAL C 3 ? 0.0954 0.1424 0.0630 0.0264  0.0086  0.0191  100 VAL C CG2  
239 C CG2  B VAL C 3 ? 0.0789 0.1211 0.0722 0.0402  -0.0272 -0.0190 100 VAL C CG2  
240 H H    . VAL C 3 ? 0.0466 0.0466 0.0466 0.0000  0.0000  0.0000  100 VAL C H    
241 H HA   A VAL C 3 ? 0.0448 0.0448 0.0448 0.0000  0.0000  0.0000  100 VAL C HA   
242 H HA   B VAL C 3 ? 0.0493 0.0493 0.0493 0.0000  0.0000  0.0000  100 VAL C HA   
243 H HB   A VAL C 3 ? 0.0957 0.0957 0.0957 0.0000  0.0000  0.0000  100 VAL C HB   
244 H HB   B VAL C 3 ? 0.0864 0.0864 0.0864 0.0000  0.0000  0.0000  100 VAL C HB   
245 H HG11 A VAL C 3 ? 0.0714 0.0714 0.0714 0.0000  0.0000  0.0000  100 VAL C HG11 
246 H HG11 B VAL C 3 ? 0.0862 0.0862 0.0862 0.0000  0.0000  0.0000  100 VAL C HG11 
247 H HG12 A VAL C 3 ? 0.0714 0.0714 0.0714 0.0000  0.0000  0.0000  100 VAL C HG12 
248 H HG12 B VAL C 3 ? 0.0862 0.0862 0.0862 0.0000  0.0000  0.0000  100 VAL C HG12 
249 H HG13 A VAL C 3 ? 0.0714 0.0714 0.0714 0.0000  0.0000  0.0000  100 VAL C HG13 
250 H HG13 B VAL C 3 ? 0.0862 0.0862 0.0862 0.0000  0.0000  0.0000  100 VAL C HG13 
251 H HG21 A VAL C 3 ? 0.1002 0.1002 0.1002 0.0000  0.0000  0.0000  100 VAL C HG21 
252 H HG21 B VAL C 3 ? 0.0907 0.0907 0.0907 0.0000  0.0000  0.0000  100 VAL C HG21 
253 H HG22 A VAL C 3 ? 0.1002 0.1002 0.1002 0.0000  0.0000  0.0000  100 VAL C HG22 
254 H HG22 B VAL C 3 ? 0.0907 0.0907 0.0907 0.0000  0.0000  0.0000  100 VAL C HG22 
255 H HG23 A VAL C 3 ? 0.1002 0.1002 0.1002 0.0000  0.0000  0.0000  100 VAL C HG23 
256 H HG23 B VAL C 3 ? 0.0907 0.0907 0.0907 0.0000  0.0000  0.0000  100 VAL C HG23 
257 N N    . PHE C 4 ? 0.0266 0.0471 0.0536 0.0040  0.0295  -0.0075 101 PHE C N    
258 C CA   . PHE C 4 ? 0.0309 0.0522 0.0539 0.0073  0.0313  -0.0091 101 PHE C CA   
259 C C    . PHE C 4 ? 0.0262 0.0495 0.0431 0.0063  0.0256  -0.0044 101 PHE C C    
260 O O    . PHE C 4 ? 0.0304 0.0706 0.0614 0.0093  0.0363  0.0105  101 PHE C O    
261 C CB   . PHE C 4 ? 0.0295 0.0614 0.0603 0.0088  0.0224  -0.0132 101 PHE C CB   
262 C CG   . PHE C 4 ? 0.0245 0.0796 0.0568 0.0152  0.0098  -0.0171 101 PHE C CG   
263 C CD1  . PHE C 4 ? 0.0323 0.0791 0.0709 0.0163  0.0040  -0.0195 101 PHE C CD1  
264 C CD2  . PHE C 4 ? 0.0612 0.1118 0.0622 -0.0077 0.0184  -0.0179 101 PHE C CD2  
265 C CE1  . PHE C 4 ? 0.0566 0.0844 0.0884 0.0263  -0.0124 -0.0334 101 PHE C CE1  
266 C CE2  . PHE C 4 ? 0.0702 0.1311 0.0646 0.0065  0.0194  -0.0275 101 PHE C CE2  
267 C CZ   . PHE C 4 ? 0.0657 0.1174 0.0778 0.0276  -0.0028 -0.0424 101 PHE C CZ   
268 H H    . PHE C 4 ? 0.0424 0.0424 0.0424 0.0000  0.0000  0.0000  101 PHE C H    
269 H HA   . PHE C 4 ? 0.0456 0.0456 0.0456 0.0000  0.0000  0.0000  101 PHE C HA   
270 H HB2  . PHE C 4 ? 0.0504 0.0504 0.0504 0.0000  0.0000  0.0000  101 PHE C HB2  
271 H HB3  . PHE C 4 ? 0.0504 0.0504 0.0504 0.0000  0.0000  0.0000  101 PHE C HB3  
272 H HD1  . PHE C 4 ? 0.0608 0.0608 0.0608 0.0000  0.0000  0.0000  101 PHE C HD1  
273 H HD2  . PHE C 4 ? 0.0783 0.0783 0.0783 0.0000  0.0000  0.0000  101 PHE C HD2  
274 H HE1  . PHE C 4 ? 0.0764 0.0764 0.0764 0.0000  0.0000  0.0000  101 PHE C HE1  
275 H HE2  . PHE C 4 ? 0.0886 0.0886 0.0886 0.0000  0.0000  0.0000  101 PHE C HE2  
276 H HZ   . PHE C 4 ? 0.0870 0.0870 0.0870 0.0000  0.0000  0.0000  101 PHE C HZ   
277 N N    . GLY C 5 ? 0.0288 0.0583 0.0532 0.0083  0.0296  0.0061  102 GLY C N    
278 C CA   . GLY C 5 ? 0.0366 0.0688 0.0589 0.0207  0.0326  0.0105  102 GLY C CA   
279 C C    . GLY C 5 ? 0.0435 0.0681 0.0510 0.0268  0.0318  0.0131  102 GLY C C    
280 O O    . GLY C 5 ? 0.0704 0.0745 0.0640 0.0128  0.0448  0.0105  102 GLY C O    
281 H H    . GLY C 5 ? 0.0467 0.0467 0.0467 0.0000  0.0000  0.0000  102 GLY C H    
282 H HA2  . GLY C 5 ? 0.0548 0.0548 0.0548 0.0000  0.0000  0.0000  102 GLY C HA2  
283 H HA3  . GLY C 5 ? 0.0548 0.0548 0.0548 0.0000  0.0000  0.0000  102 GLY C HA3  
284 N N    . THR C 6 ? 0.0658 0.0938 0.0806 0.0341  0.0587  0.0077  103 THR C N    
285 C CA   . THR C 6 ? 0.1216 0.1069 0.0993 0.0331  0.0743  -0.0065 103 THR C CA   
286 C C    . THR C 6 ? 0.1413 0.1434 0.1765 0.0380  0.1152  -0.0146 103 THR C C    
287 O O    . THR C 6 ? 0.1189 0.1275 0.2225 0.0496  0.0925  0.0467  103 THR C O    
288 C CB   . THR C 6 ? 0.1403 0.1525 0.1113 -0.0045 0.0585  -0.0206 103 THR C CB   
289 O OG1  . THR C 6 ? 0.2160 0.2210 0.1029 -0.0407 0.0653  0.0026  103 THR C OG1  
290 C CG2  . THR C 6 ? 0.1264 0.1798 0.1309 -0.0421 0.0379  -0.0310 103 THR C CG2  
291 O OXT  . THR C 6 ? 0.1793 0.2186 0.3304 0.0439  0.1715  -0.1065 103 THR C OXT  
292 H H    . THR C 6 ? 0.0801 0.0801 0.0801 0.0000  0.0000  0.0000  103 THR C H    
293 H HA   . THR C 6 ? 0.1093 0.1093 0.1093 0.0000  0.0000  0.0000  103 THR C HA   
294 H HB   . THR C 6 ? 0.1346 0.1346 0.1346 0.0000  0.0000  0.0000  103 THR C HB   
295 H HG21 . THR C 6 ? 0.1457 0.1457 0.1457 0.0000  0.0000  0.0000  103 THR C HG21 
296 H HG22 . THR C 6 ? 0.1457 0.1457 0.1457 0.0000  0.0000  0.0000  103 THR C HG22 
297 H HG23 . THR C 6 ? 0.1457 0.1457 0.1457 0.0000  0.0000  0.0000  103 THR C HG23 
298 N N    . ASN D 1 ? 0.0802 0.0899 0.0742 0.0282  0.0523  -0.0170 98  ASN D N    
299 C CA   . ASN D 1 ? 0.0635 0.0812 0.0649 0.0261  0.0535  0.0013  98  ASN D CA   
300 C C    . ASN D 1 ? 0.0572 0.0703 0.0603 0.0157  0.0506  0.0035  98  ASN D C    
301 O O    . ASN D 1 ? 0.1020 0.1159 0.0672 0.0411  0.0628  0.0198  98  ASN D O    
302 C CB   . ASN D 1 ? 0.0697 0.1036 0.0848 0.0348  0.0394  0.0006  98  ASN D CB   
303 C CG   . ASN D 1 ? 0.1079 0.1550 0.0807 -0.0026 0.0479  0.0109  98  ASN D CG   
304 O OD1  . ASN D 1 ? 0.1192 0.2603 0.2617 -0.0302 -0.0044 0.0504  98  ASN D OD1  
305 N ND2  . ASN D 1 ? 0.1660 0.1421 0.1808 -0.0172 0.0336  0.0426  98  ASN D ND2  
306 H H1   . ASN D 1 ? 0.0815 0.0815 0.0815 0.0000  0.0000  0.0000  98  ASN D H1   
307 H H2   . ASN D 1 ? 0.0815 0.0815 0.0815 0.0000  0.0000  0.0000  98  ASN D H2   
308 H H3   . ASN D 1 ? 0.0815 0.0815 0.0815 0.0000  0.0000  0.0000  98  ASN D H3   
309 H HA   . ASN D 1 ? 0.0698 0.0698 0.0698 0.0000  0.0000  0.0000  98  ASN D HA   
310 H HB2  . ASN D 1 ? 0.0860 0.0860 0.0860 0.0000  0.0000  0.0000  98  ASN D HB2  
311 H HB3  . ASN D 1 ? 0.0860 0.0860 0.0860 0.0000  0.0000  0.0000  98  ASN D HB3  
312 N N    . PHE D 2 ? 0.0344 0.0652 0.0396 0.0147  0.0297  0.0063  99  PHE D N    
313 C CA   . PHE D 2 ? 0.0363 0.0640 0.0410 0.0136  0.0209  0.0058  99  PHE D CA   
314 C C    . PHE D 2 ? 0.0179 0.0598 0.0444 0.0090  0.0204  0.0072  99  PHE D C    
315 O O    . PHE D 2 ? 0.0280 0.0495 0.0442 0.0176  0.0246  0.0034  99  PHE D O    
316 C CB   . PHE D 2 ? 0.0564 0.0911 0.0386 0.0185  0.0082  -0.0029 99  PHE D CB   
317 C CG   . PHE D 2 ? 0.0557 0.1051 0.0526 0.0062  -0.0156 0.0102  99  PHE D CG   
318 C CD1  . PHE D 2 ? 0.0418 0.1684 0.0830 -0.0144 -0.0039 0.0150  99  PHE D CD1  
319 C CD2  . PHE D 2 ? 0.0958 0.0974 0.0853 -0.0004 -0.0218 0.0145  99  PHE D CD2  
320 C CE1  . PHE D 2 ? 0.0574 0.1958 0.1095 -0.0333 -0.0186 0.0378  99  PHE D CE1  
321 C CE2  . PHE D 2 ? 0.1419 0.0894 0.1143 -0.0217 -0.0571 0.0289  99  PHE D CE2  
322 C CZ   . PHE D 2 ? 0.1155 0.1577 0.1108 -0.0637 -0.0591 0.0555  99  PHE D CZ   
323 H H    . PHE D 2 ? 0.0464 0.0464 0.0464 0.0000  0.0000  0.0000  99  PHE D H    
324 H HA   . PHE D 2 ? 0.0471 0.0471 0.0471 0.0000  0.0000  0.0000  99  PHE D HA   
325 H HB2  . PHE D 2 ? 0.0620 0.0620 0.0620 0.0000  0.0000  0.0000  99  PHE D HB2  
326 H HB3  . PHE D 2 ? 0.0620 0.0620 0.0620 0.0000  0.0000  0.0000  99  PHE D HB3  
327 H HD1  . PHE D 2 ? 0.0977 0.0977 0.0977 0.0000  0.0000  0.0000  99  PHE D HD1  
328 H HD2  . PHE D 2 ? 0.0928 0.0928 0.0928 0.0000  0.0000  0.0000  99  PHE D HD2  
329 H HE1  . PHE D 2 ? 0.1209 0.1209 0.1209 0.0000  0.0000  0.0000  99  PHE D HE1  
330 H HE2  . PHE D 2 ? 0.1152 0.1152 0.1152 0.0000  0.0000  0.0000  99  PHE D HE2  
331 H HZ   . PHE D 2 ? 0.1279 0.1279 0.1279 0.0000  0.0000  0.0000  99  PHE D HZ   
332 N N    . VAL D 3 ? 0.0228 0.0613 0.0458 0.0141  0.0238  0.0063  100 VAL D N    
333 C CA   . VAL D 3 ? 0.0228 0.0654 0.0396 0.0093  0.0227  0.0029  100 VAL D CA   
334 C C    . VAL D 3 ? 0.0317 0.0543 0.0351 0.0111  0.0259  0.0014  100 VAL D C    
335 O O    . VAL D 3 ? 0.0245 0.0645 0.0474 0.0115  0.0271  0.0132  100 VAL D O    
336 C CB   . VAL D 3 ? 0.0359 0.0643 0.0487 0.0105  0.0061  0.0074  100 VAL D CB   
337 C CG1  . VAL D 3 ? 0.0461 0.0708 0.0732 -0.0085 0.0011  0.0045  100 VAL D CG1  
338 C CG2  . VAL D 3 ? 0.0552 0.0780 0.0501 0.0149  0.0037  -0.0061 100 VAL D CG2  
339 H H    . VAL D 3 ? 0.0433 0.0433 0.0433 0.0000  0.0000  0.0000  100 VAL D H    
340 H HA   . VAL D 3 ? 0.0426 0.0426 0.0426 0.0000  0.0000  0.0000  100 VAL D HA   
341 H HB   . VAL D 3 ? 0.0496 0.0496 0.0496 0.0000  0.0000  0.0000  100 VAL D HB   
342 H HG11 . VAL D 3 ? 0.0634 0.0634 0.0634 0.0000  0.0000  0.0000  100 VAL D HG11 
343 H HG12 . VAL D 3 ? 0.0634 0.0634 0.0634 0.0000  0.0000  0.0000  100 VAL D HG12 
344 H HG13 . VAL D 3 ? 0.0634 0.0634 0.0634 0.0000  0.0000  0.0000  100 VAL D HG13 
345 H HG21 . VAL D 3 ? 0.0611 0.0611 0.0611 0.0000  0.0000  0.0000  100 VAL D HG21 
346 H HG22 . VAL D 3 ? 0.0611 0.0611 0.0611 0.0000  0.0000  0.0000  100 VAL D HG22 
347 H HG23 . VAL D 3 ? 0.0611 0.0611 0.0611 0.0000  0.0000  0.0000  100 VAL D HG23 
348 N N    . PHE D 4 ? 0.0261 0.0609 0.0296 0.0150  0.0212  0.0100  101 PHE D N    
349 C CA   . PHE D 4 ? 0.0242 0.0553 0.0435 0.0129  0.0257  0.0159  101 PHE D CA   
350 C C    . PHE D 4 ? 0.0337 0.0572 0.0576 0.0179  0.0368  0.0156  101 PHE D C    
351 O O    . PHE D 4 ? 0.0739 0.0609 0.0689 0.0295  0.0606  0.0205  101 PHE D O    
352 C CB   . PHE D 4 ? 0.0183 0.0769 0.0586 0.0103  0.0158  0.0147  101 PHE D CB   
353 C CG   . PHE D 4 ? 0.0261 0.0824 0.0555 0.0111  0.0014  0.0019  101 PHE D CG   
354 C CD1  . PHE D 4 ? 0.0398 0.0724 0.0479 0.0049  0.0033  -0.0051 101 PHE D CD1  
355 C CD2  . PHE D 4 ? 0.0436 0.0824 0.0798 0.0065  -0.0123 0.0062  101 PHE D CD2  
356 C CE1  . PHE D 4 ? 0.0516 0.0848 0.0578 0.0180  0.0042  -0.0123 101 PHE D CE1  
357 C CE2  . PHE D 4 ? 0.0818 0.0661 0.0891 0.0051  -0.0191 -0.0104 101 PHE D CE2  
358 C CZ   . PHE D 4 ? 0.0662 0.0723 0.0755 0.0274  -0.0110 -0.0081 101 PHE D CZ   
359 H H    . PHE D 4 ? 0.0389 0.0389 0.0389 0.0000  0.0000  0.0000  101 PHE D H    
360 H HA   . PHE D 4 ? 0.0410 0.0410 0.0410 0.0000  0.0000  0.0000  101 PHE D HA   
361 H HB2  . PHE D 4 ? 0.0512 0.0512 0.0512 0.0000  0.0000  0.0000  101 PHE D HB2  
362 H HB3  . PHE D 4 ? 0.0512 0.0512 0.0512 0.0000  0.0000  0.0000  101 PHE D HB3  
363 H HD1  . PHE D 4 ? 0.0533 0.0533 0.0533 0.0000  0.0000  0.0000  101 PHE D HD1  
364 H HD2  . PHE D 4 ? 0.0685 0.0685 0.0685 0.0000  0.0000  0.0000  101 PHE D HD2  
365 H HE1  . PHE D 4 ? 0.0647 0.0647 0.0647 0.0000  0.0000  0.0000  101 PHE D HE1  
366 H HE2  . PHE D 4 ? 0.0790 0.0790 0.0790 0.0000  0.0000  0.0000  101 PHE D HE2  
367 H HZ   . PHE D 4 ? 0.0714 0.0714 0.0714 0.0000  0.0000  0.0000  101 PHE D HZ   
368 N N    . GLY D 5 ? 0.0611 0.0620 0.0973 0.0278  0.0699  0.0275  102 GLY D N    
369 C CA   . GLY D 5 ? 0.1118 0.0958 0.1019 0.0380  0.0870  0.0156  102 GLY D CA   
370 C C    . GLY D 5 ? 0.0434 0.0908 0.0747 0.0173  0.0493  0.0085  102 GLY D C    
371 O O    . GLY D 5 ? 0.0381 0.0664 0.0760 0.0183  0.0425  -0.0006 102 GLY D O    
372 H H    . GLY D 5 ? 0.0734 0.0734 0.0734 0.0000  0.0000  0.0000  102 GLY D H    
373 H HA2  . GLY D 5 ? 0.1031 0.1031 0.1031 0.0000  0.0000  0.0000  102 GLY D HA2  
374 H HA3  . GLY D 5 ? 0.1031 0.1031 0.1031 0.0000  0.0000  0.0000  102 GLY D HA3  
375 N N    . THR D 6 ? 0.0775 0.1197 0.0898 0.0122  0.0705  -0.0176 103 THR D N    
376 C CA   . THR D 6 ? 0.0726 0.1287 0.1096 0.0074  0.0633  -0.0384 103 THR D CA   
377 C C    . THR D 6 ? 0.1152 0.2019 0.1066 0.0043  0.0471  -0.0629 103 THR D C    
378 O O    . THR D 6 ? 0.1782 0.3198 0.0997 -0.0063 0.0860  0.0022  103 THR D O    
379 C CB   . THR D 6 ? 0.0522 0.1256 0.1778 0.0076  0.0641  -0.0344 103 THR D CB   
380 O OG1  . THR D 6 ? 0.0785 0.1576 0.1864 -0.0233 0.0745  -0.0508 103 THR D OG1  
381 C CG2  . THR D 6 ? 0.0654 0.1191 0.1710 -0.0006 0.0287  -0.0263 103 THR D CG2  
382 O OXT  . THR D 6 ? 0.1511 0.2101 0.1397 0.0120  0.0513  -0.0770 103 THR D OXT  
383 H H    . THR D 6 ? 0.0957 0.0957 0.0957 0.0000  0.0000  0.0000  103 THR D H    
384 H HA   . THR D 6 ? 0.1036 0.1036 0.1036 0.0000  0.0000  0.0000  103 THR D HA   
385 H HB   . THR D 6 ? 0.1184 0.1184 0.1184 0.0000  0.0000  0.0000  103 THR D HB   
386 H HG21 . THR D 6 ? 0.1185 0.1185 0.1185 0.0000  0.0000  0.0000  103 THR D HG21 
387 H HG22 . THR D 6 ? 0.1185 0.1185 0.1185 0.0000  0.0000  0.0000  103 THR D HG22 
388 H HG23 . THR D 6 ? 0.1185 0.1185 0.1185 0.0000  0.0000  0.0000  103 THR D HG23 
389 O O    . HOH E . ? 0.1491 0.1960 0.1472 -0.0148 0.0032  -0.0061 201 HOH A O    
390 O O    . HOH E . ? 0.0872 0.1782 0.1357 -0.0039 0.0139  -0.0099 202 HOH A O    
391 O O    . HOH E . ? 0.1381 0.5212 0.1985 0.0161  0.0179  -0.0377 203 HOH A O    
392 O O    . HOH E . ? 0.2813 0.2647 0.3769 0.0982  0.0300  -0.1034 204 HOH A O    
393 O O    . HOH E . ? 0.1884 0.2870 0.2064 0.0722  -0.0316 -0.0297 205 HOH A O    
394 O O    . HOH F . ? 0.1974 0.3042 0.1915 0.1089  0.0057  -0.0545 201 HOH B O    
395 O O    . HOH F . ? 0.2401 0.3810 0.2159 -0.1152 0.0083  -0.0614 202 HOH B O    
396 O O    . HOH F . ? 0.0831 0.3628 0.1024 -0.0017 0.0226  0.0426  203 HOH B O    
397 O O    . HOH F . ? 0.2102 0.5325 0.1403 -0.0582 0.0397  0.0791  204 HOH B O    
398 O O    . HOH F . ? 0.1629 0.3379 0.2746 0.0211  -0.0141 -0.0241 205 HOH B O    
399 O O    . HOH F . ? 0.3160 0.4176 0.2310 -0.0934 -0.0590 -0.0985 206 HOH B O    
400 O O    . HOH G . ? 0.1816 0.2830 0.3583 0.0067  0.0569  0.0883  201 HOH C O    
401 O O    . HOH G . ? 0.1475 0.2557 0.1427 -0.0574 0.0045  -0.0075 202 HOH C O    
402 O O    . HOH H . ? 0.2536 0.4990 0.3199 -0.0568 0.0622  -0.1854 201 HOH D O    
403 O O    . HOH H . ? 0.4734 0.2213 0.2554 -0.0054 -0.0468 0.0576  202 HOH D O    
404 O O    . HOH H . ? 0.2069 0.1211 0.1434 0.0279  0.1018  -0.0252 203 HOH D O    
405 O O    . HOH H . ? 0.2565 0.3877 0.6630 0.0673  0.0971  0.1187  204 HOH D O    
406 O O    . HOH H . ? 0.3758 0.5251 0.4518 0.0014  0.0554  -0.0575 205 HOH D O    
# 
